data_8HM4
#
_entry.id   8HM4
#
_cell.length_a   82.425
_cell.length_b   126.087
_cell.length_c   130.715
_cell.angle_alpha   90.000
_cell.angle_beta   90.000
_cell.angle_gamma   90.000
#
_symmetry.space_group_name_H-M   'P 21 21 21'
#
_entity_poly.entity_id   1
_entity_poly.type   'polypeptide(L)'
_entity_poly.pdbx_seq_one_letter_code
;IDEVVWVIGDEAILKSDVEEARLAALYEGRKFDGDPYCVIPEELAVQKLYMHQAVLDSIEVPEAEVIQRVDYQINNYIQA
MGTREKLEEYFNKTSTQIREAMRENARDGLIVQRMQQKLVGDIKVTPAEVRRYFKELPQDSIPYVPTQVEVQIITQQPKI
PVAEIEDVKRRLREYTDRINKGESDFSTLALLYSEDRGSAIKGGETGFMGKGQMVPEYANVAFNLQDTKKISKIVESEYG
FHIIQLIEKRGDRINTRHILLKPKVSDKELDEANARLDSIANDIRSDKFTFDQAASALSQDKDTRNNHGLMQNPQNQTAK
FEMQDLPQEIAKVVDKMNIGEISKAFTMVNPKDGKEVCAIVKLKSRINGHKATITDDYQNLKEIVLDKRREEALQKWIVE
KQKHTYVRINPAWQRCDFKYPGWIKKD
;
_entity_poly.pdbx_strand_id   A,B
#
# COMPACT_ATOMS: atom_id res chain seq x y z
N ILE A 1 9.20 -22.89 15.26
CA ILE A 1 8.46 -21.62 15.31
C ILE A 1 6.93 -21.79 15.32
N ASP A 2 6.40 -22.89 14.78
CA ASP A 2 4.98 -23.22 14.76
C ASP A 2 4.60 -24.13 15.92
N GLU A 3 3.29 -24.16 16.21
CA GLU A 3 2.73 -25.05 17.23
C GLU A 3 1.33 -25.48 16.83
N VAL A 4 1.01 -26.75 17.08
CA VAL A 4 -0.26 -27.26 16.62
C VAL A 4 -1.36 -26.83 17.60
N VAL A 5 -2.33 -26.06 17.07
CA VAL A 5 -3.34 -25.39 17.89
C VAL A 5 -4.52 -26.31 18.13
N TRP A 6 -5.15 -26.78 17.07
CA TRP A 6 -6.29 -27.67 17.20
C TRP A 6 -6.10 -28.87 16.31
N VAL A 7 -6.77 -29.97 16.67
CA VAL A 7 -6.80 -31.16 15.84
C VAL A 7 -8.25 -31.62 15.78
N ILE A 8 -8.76 -31.78 14.58
CA ILE A 8 -10.11 -32.25 14.30
C ILE A 8 -10.04 -33.64 13.66
N GLY A 9 -10.08 -34.67 14.48
CA GLY A 9 -9.98 -36.04 13.96
C GLY A 9 -8.57 -36.41 13.56
N ASP A 10 -8.42 -36.93 12.33
CA ASP A 10 -7.08 -37.30 11.82
C ASP A 10 -6.19 -36.07 11.55
N GLU A 11 -6.75 -34.98 10.94
CA GLU A 11 -6.00 -33.80 10.52
C GLU A 11 -5.89 -32.73 11.62
N ALA A 12 -4.87 -31.88 11.44
CA ALA A 12 -4.42 -30.88 12.39
C ALA A 12 -4.50 -29.46 11.83
N ILE A 13 -4.47 -28.49 12.75
CA ILE A 13 -4.46 -27.07 12.43
C ILE A 13 -3.16 -26.49 12.98
N LEU A 14 -2.40 -25.85 12.10
CA LEU A 14 -1.14 -25.27 12.53
C LEU A 14 -1.28 -23.76 12.68
N LYS A 15 -0.52 -23.21 13.65
CA LYS A 15 -0.45 -21.77 13.86
C LYS A 15 0.00 -21.06 12.61
N SER A 16 0.80 -21.74 11.81
CA SER A 16 1.19 -21.20 10.51
C SER A 16 -0.03 -20.94 9.67
N ASP A 17 -0.98 -21.88 9.67
CA ASP A 17 -2.23 -21.69 8.95
C ASP A 17 -2.99 -20.51 9.51
N VAL A 18 -2.94 -20.37 10.84
CA VAL A 18 -3.62 -19.27 11.51
C VAL A 18 -3.06 -17.94 11.07
N GLU A 19 -1.74 -17.78 11.16
CA GLU A 19 -1.10 -16.52 10.75
C GLU A 19 -1.40 -16.25 9.27
N GLU A 20 -1.26 -17.28 8.43
CA GLU A 20 -1.45 -17.11 7.00
C GLU A 20 -2.84 -16.57 6.71
N ALA A 21 -3.85 -17.24 7.25
CA ALA A 21 -5.20 -16.78 7.04
C ALA A 21 -5.42 -15.41 7.67
N ARG A 22 -4.80 -15.14 8.82
CA ARG A 22 -4.98 -13.85 9.48
C ARG A 22 -4.45 -12.70 8.63
N LEU A 23 -3.25 -12.86 8.06
CA LEU A 23 -2.69 -11.82 7.20
C LEU A 23 -3.51 -11.65 5.93
N ALA A 24 -3.93 -12.77 5.34
CA ALA A 24 -4.77 -12.68 4.13
C ALA A 24 -6.10 -11.98 4.42
N ALA A 25 -6.72 -12.26 5.59
CA ALA A 25 -7.99 -11.62 5.90
C ALA A 25 -7.77 -10.17 6.29
N LEU A 26 -6.67 -9.89 6.99
CA LEU A 26 -6.38 -8.51 7.37
C LEU A 26 -6.21 -7.66 6.12
N TYR A 27 -5.69 -8.24 5.02
CA TYR A 27 -5.73 -7.54 3.74
C TYR A 27 -7.17 -7.34 3.23
N GLU A 28 -8.01 -8.38 3.28
CA GLU A 28 -9.37 -8.28 2.72
C GLU A 28 -10.35 -7.75 3.75
N GLY A 29 -10.05 -6.58 4.30
CA GLY A 29 -11.04 -5.88 5.12
C GLY A 29 -11.44 -6.60 6.39
N ARG A 30 -10.47 -7.12 7.12
CA ARG A 30 -10.73 -7.82 8.37
C ARG A 30 -11.21 -6.85 9.44
N LYS A 31 -12.46 -7.01 9.84
CA LYS A 31 -13.02 -6.30 10.98
C LYS A 31 -12.98 -7.32 12.11
N PHE A 32 -12.24 -6.98 13.17
CA PHE A 32 -11.93 -7.97 14.20
C PHE A 32 -13.16 -8.15 15.08
N ASP A 33 -13.64 -9.39 15.14
CA ASP A 33 -14.78 -9.73 15.97
C ASP A 33 -14.37 -9.93 17.43
N GLY A 34 -13.09 -9.74 17.71
CA GLY A 34 -12.49 -9.97 19.02
C GLY A 34 -11.03 -10.35 18.84
N ASP A 35 -10.59 -11.32 19.63
CA ASP A 35 -9.25 -11.86 19.49
C ASP A 35 -9.24 -12.77 18.28
N PRO A 36 -8.46 -12.48 17.24
CA PRO A 36 -8.43 -13.39 16.09
C PRO A 36 -8.05 -14.81 16.49
N TYR A 37 -7.19 -14.96 17.50
CA TYR A 37 -6.78 -16.29 17.94
C TYR A 37 -7.92 -17.07 18.60
N CYS A 38 -9.11 -16.49 18.69
CA CYS A 38 -10.28 -17.18 19.22
C CYS A 38 -11.28 -17.51 18.11
N VAL A 39 -11.13 -16.92 16.92
CA VAL A 39 -12.10 -17.06 15.85
C VAL A 39 -11.53 -17.74 14.62
N ILE A 40 -10.30 -17.40 14.23
CA ILE A 40 -9.68 -18.08 13.09
C ILE A 40 -9.47 -19.57 13.33
N PRO A 41 -8.94 -20.03 14.47
CA PRO A 41 -8.90 -21.48 14.73
C PRO A 41 -10.26 -22.11 14.66
N GLU A 42 -11.25 -21.38 15.17
CA GLU A 42 -12.63 -21.78 15.07
C GLU A 42 -13.06 -21.93 13.63
N GLU A 43 -12.76 -20.91 12.80
CA GLU A 43 -13.15 -20.94 11.40
C GLU A 43 -12.48 -22.11 10.66
N LEU A 44 -11.17 -22.28 10.89
CA LEU A 44 -10.42 -23.36 10.24
C LEU A 44 -10.93 -24.71 10.69
N ALA A 45 -11.19 -24.83 11.98
CA ALA A 45 -11.72 -26.08 12.47
C ALA A 45 -13.05 -26.38 11.80
N VAL A 46 -13.91 -25.37 11.64
CA VAL A 46 -15.23 -25.62 11.05
C VAL A 46 -15.08 -26.10 9.61
N GLN A 47 -14.19 -25.47 8.86
CA GLN A 47 -13.96 -25.95 7.48
C GLN A 47 -13.37 -27.34 7.50
N LYS A 48 -12.63 -27.67 8.56
CA LYS A 48 -12.17 -29.04 8.71
C LYS A 48 -13.38 -29.95 8.93
N LEU A 49 -14.40 -29.44 9.62
CA LEU A 49 -15.60 -30.24 9.80
C LEU A 49 -16.26 -30.54 8.47
N TYR A 50 -16.44 -29.49 7.67
CA TYR A 50 -17.04 -29.68 6.36
C TYR A 50 -16.18 -30.60 5.52
N MET A 51 -14.87 -30.42 5.56
CA MET A 51 -13.98 -31.26 4.76
C MET A 51 -14.06 -32.73 5.17
N HIS A 52 -14.01 -32.98 6.49
CA HIS A 52 -14.15 -34.32 7.04
C HIS A 52 -15.41 -34.99 6.56
N GLN A 53 -16.54 -34.30 6.77
CA GLN A 53 -17.83 -34.83 6.27
C GLN A 53 -17.78 -34.92 4.76
N ALA A 54 -17.13 -33.94 4.11
CA ALA A 54 -17.08 -33.93 2.64
C ALA A 54 -16.54 -35.25 2.09
N VAL A 55 -15.37 -35.69 2.57
CA VAL A 55 -14.84 -37.00 2.19
C VAL A 55 -15.72 -38.11 2.75
N LEU A 56 -16.29 -37.88 3.94
CA LEU A 56 -17.05 -38.91 4.66
C LEU A 56 -18.27 -39.38 3.88
N ASP A 57 -19.11 -38.45 3.42
CA ASP A 57 -20.31 -38.89 2.71
C ASP A 57 -19.93 -39.61 1.43
N SER A 58 -19.08 -39.00 0.62
CA SER A 58 -18.64 -39.68 -0.59
C SER A 58 -17.51 -38.86 -1.20
N ILE A 59 -16.87 -39.44 -2.21
CA ILE A 59 -15.85 -38.77 -3.01
C ILE A 59 -16.64 -37.69 -3.80
N GLU A 60 -17.95 -37.62 -3.52
CA GLU A 60 -18.91 -36.64 -4.01
C GLU A 60 -18.29 -35.26 -4.07
N VAL A 61 -17.45 -34.95 -3.10
CA VAL A 61 -16.73 -33.70 -3.05
C VAL A 61 -15.45 -33.88 -3.87
N PRO A 62 -15.29 -33.17 -5.00
CA PRO A 62 -14.09 -33.39 -5.82
C PRO A 62 -12.80 -33.04 -5.11
N GLU A 63 -12.88 -32.76 -3.80
CA GLU A 63 -11.74 -32.37 -2.96
C GLU A 63 -11.07 -31.12 -3.52
N ALA A 64 -11.75 -30.50 -4.46
CA ALA A 64 -11.29 -29.36 -5.18
C ALA A 64 -10.31 -29.78 -6.25
N GLU A 65 -9.83 -31.03 -6.21
CA GLU A 65 -8.97 -31.63 -7.27
C GLU A 65 -7.72 -30.79 -7.53
N VAL A 66 -7.48 -29.74 -6.75
CA VAL A 66 -6.21 -28.96 -6.89
C VAL A 66 -6.17 -28.18 -8.21
N ILE A 67 -6.22 -28.86 -9.37
CA ILE A 67 -6.06 -28.12 -10.62
C ILE A 67 -7.27 -27.22 -10.78
N GLN A 68 -8.44 -27.70 -10.39
CA GLN A 68 -9.64 -26.87 -10.40
C GLN A 68 -9.36 -25.46 -9.85
N ARG A 69 -8.64 -25.38 -8.70
CA ARG A 69 -8.32 -24.07 -8.12
C ARG A 69 -7.21 -23.36 -8.86
N VAL A 70 -6.23 -24.09 -9.42
CA VAL A 70 -5.01 -23.49 -9.96
C VAL A 70 -5.35 -22.40 -10.97
N ASP A 71 -6.38 -22.65 -11.81
CA ASP A 71 -6.82 -21.65 -12.79
C ASP A 71 -7.05 -20.31 -12.09
N TYR A 72 -7.93 -20.30 -11.09
CA TYR A 72 -8.22 -19.07 -10.37
C TYR A 72 -7.05 -18.63 -9.52
N GLN A 73 -6.24 -19.59 -9.03
CA GLN A 73 -5.14 -19.25 -8.13
C GLN A 73 -4.18 -18.27 -8.77
N ILE A 74 -3.72 -18.61 -9.96
CA ILE A 74 -2.90 -17.69 -10.72
C ILE A 74 -3.77 -16.53 -11.23
N ASN A 75 -5.02 -16.83 -11.57
CA ASN A 75 -5.91 -15.80 -12.18
C ASN A 75 -6.20 -14.66 -11.18
N ASN A 76 -6.44 -14.98 -9.91
CA ASN A 76 -6.85 -13.93 -8.96
C ASN A 76 -5.83 -13.57 -7.89
N TYR A 77 -5.27 -14.55 -7.17
CA TYR A 77 -4.30 -14.22 -6.13
C TYR A 77 -3.01 -13.66 -6.69
N ILE A 78 -2.48 -14.26 -7.75
CA ILE A 78 -1.24 -13.73 -8.30
C ILE A 78 -1.45 -12.30 -8.79
N GLN A 79 -2.65 -12.00 -9.32
CA GLN A 79 -3.00 -10.65 -9.76
C GLN A 79 -3.32 -9.78 -8.54
N ALA A 80 -2.26 -9.25 -7.95
CA ALA A 80 -2.38 -8.28 -6.88
C ALA A 80 -2.03 -6.89 -7.41
N MET A 81 -2.07 -5.90 -6.52
CA MET A 81 -1.60 -4.55 -6.86
C MET A 81 -0.09 -4.53 -7.05
N GLY A 82 0.59 -5.58 -6.56
CA GLY A 82 2.01 -5.79 -6.73
C GLY A 82 2.32 -7.24 -6.38
N THR A 83 3.50 -7.69 -6.79
CA THR A 83 3.99 -9.05 -6.54
C THR A 83 5.45 -8.99 -6.13
N ARG A 84 6.10 -10.17 -6.14
CA ARG A 84 7.50 -10.41 -5.78
C ARG A 84 7.79 -10.26 -4.29
N GLU A 85 8.46 -9.17 -3.91
CA GLU A 85 8.80 -8.92 -2.52
C GLU A 85 7.64 -8.28 -1.77
N LYS A 86 6.74 -7.57 -2.48
CA LYS A 86 5.57 -7.00 -1.83
C LYS A 86 4.75 -8.11 -1.17
N LEU A 87 4.50 -9.20 -1.91
CA LEU A 87 3.88 -10.37 -1.31
C LEU A 87 4.82 -10.99 -0.27
N GLU A 88 6.06 -11.29 -0.66
CA GLU A 88 6.98 -11.98 0.26
C GLU A 88 7.41 -11.24 1.53
N GLU A 89 6.78 -10.08 1.82
CA GLU A 89 7.03 -9.40 3.09
C GLU A 89 6.75 -10.31 4.28
N TYR A 90 5.62 -11.01 4.19
CA TYR A 90 5.30 -12.01 5.23
C TYR A 90 6.28 -13.16 5.02
N PHE A 91 6.26 -14.15 5.90
CA PHE A 91 7.26 -15.22 5.77
C PHE A 91 6.95 -16.19 4.62
N ASN A 92 7.80 -17.21 4.40
CA ASN A 92 7.66 -18.21 3.31
C ASN A 92 8.17 -17.65 1.97
N LYS A 93 8.47 -18.54 1.02
CA LYS A 93 8.94 -18.18 -0.32
C LYS A 93 7.76 -18.18 -1.30
N THR A 94 7.96 -17.59 -2.49
CA THR A 94 6.84 -17.49 -3.44
C THR A 94 6.30 -18.85 -3.84
N SER A 95 7.18 -19.84 -4.08
CA SER A 95 6.67 -21.15 -4.46
C SER A 95 5.86 -21.78 -3.33
N THR A 96 6.37 -21.63 -2.10
CA THR A 96 5.61 -22.08 -0.93
C THR A 96 4.28 -21.31 -0.82
N GLN A 97 4.28 -20.01 -1.13
CA GLN A 97 3.05 -19.23 -1.14
C GLN A 97 2.02 -19.75 -2.14
N ILE A 98 2.44 -20.03 -3.37
CA ILE A 98 1.48 -20.50 -4.38
C ILE A 98 0.86 -21.80 -3.90
N ARG A 99 1.69 -22.70 -3.34
CA ARG A 99 1.16 -23.96 -2.79
C ARG A 99 0.19 -23.71 -1.63
N GLU A 100 0.56 -22.84 -0.69
CA GLU A 100 -0.30 -22.59 0.48
C GLU A 100 -1.63 -22.01 0.05
N ALA A 101 -1.61 -21.03 -0.86
CA ALA A 101 -2.84 -20.44 -1.34
C ALA A 101 -3.69 -21.48 -2.05
N MET A 102 -3.04 -22.35 -2.83
CA MET A 102 -3.76 -23.41 -3.54
C MET A 102 -4.50 -24.31 -2.56
N ARG A 103 -3.82 -24.75 -1.51
CA ARG A 103 -4.47 -25.59 -0.51
C ARG A 103 -5.63 -24.85 0.17
N GLU A 104 -5.41 -23.60 0.58
CA GLU A 104 -6.43 -22.86 1.34
C GLU A 104 -7.71 -22.68 0.54
N ASN A 105 -7.57 -22.22 -0.71
CA ASN A 105 -8.74 -22.05 -1.57
C ASN A 105 -9.36 -23.37 -1.97
N ALA A 106 -8.57 -24.43 -2.15
CA ALA A 106 -9.17 -25.73 -2.42
C ALA A 106 -10.09 -26.13 -1.28
N ARG A 107 -9.61 -25.92 -0.05
CA ARG A 107 -10.42 -26.21 1.12
C ARG A 107 -11.71 -25.42 1.04
N ASP A 108 -11.61 -24.13 0.73
CA ASP A 108 -12.78 -23.27 0.67
C ASP A 108 -13.77 -23.74 -0.41
N GLY A 109 -13.26 -24.13 -1.59
CA GLY A 109 -14.12 -24.60 -2.67
C GLY A 109 -14.90 -25.84 -2.29
N LEU A 110 -14.24 -26.78 -1.61
CA LEU A 110 -14.97 -27.97 -1.16
C LEU A 110 -15.97 -27.60 -0.07
N ILE A 111 -15.68 -26.58 0.75
CA ILE A 111 -16.68 -26.12 1.71
C ILE A 111 -17.93 -25.66 0.99
N VAL A 112 -17.75 -24.85 -0.06
CA VAL A 112 -18.89 -24.37 -0.84
C VAL A 112 -19.61 -25.57 -1.44
N GLN A 113 -18.85 -26.55 -1.97
CA GLN A 113 -19.49 -27.73 -2.53
C GLN A 113 -20.32 -28.44 -1.46
N ARG A 114 -19.69 -28.66 -0.30
CA ARG A 114 -20.40 -29.36 0.82
C ARG A 114 -21.63 -28.57 1.25
N MET A 115 -21.47 -27.28 1.57
CA MET A 115 -22.61 -26.53 2.09
C MET A 115 -23.79 -26.58 1.11
N GLN A 116 -23.51 -26.51 -0.20
CA GLN A 116 -24.60 -26.62 -1.18
C GLN A 116 -25.27 -28.00 -1.07
N GLN A 117 -24.47 -29.05 -0.95
CA GLN A 117 -24.99 -30.41 -0.84
C GLN A 117 -25.72 -30.66 0.48
N LYS A 118 -25.42 -29.89 1.52
CA LYS A 118 -26.04 -30.05 2.82
C LYS A 118 -27.47 -29.53 2.88
N LEU A 119 -27.96 -28.89 1.83
CA LEU A 119 -29.30 -28.28 1.86
C LEU A 119 -30.01 -28.45 0.52
N VAL A 120 -31.10 -29.22 0.53
CA VAL A 120 -31.90 -29.55 -0.65
C VAL A 120 -33.23 -28.80 -0.65
N GLY A 121 -33.62 -28.20 0.47
CA GLY A 121 -34.83 -27.39 0.52
C GLY A 121 -34.80 -26.14 -0.34
N ASP A 122 -33.61 -25.73 -0.79
CA ASP A 122 -33.42 -24.59 -1.68
C ASP A 122 -33.85 -24.99 -3.10
N ILE A 123 -35.07 -24.56 -3.50
CA ILE A 123 -35.66 -24.87 -4.80
C ILE A 123 -36.10 -23.53 -5.44
N LYS A 124 -36.41 -23.55 -6.74
CA LYS A 124 -36.85 -22.38 -7.49
C LYS A 124 -38.32 -22.54 -7.91
N VAL A 125 -39.04 -21.41 -7.94
CA VAL A 125 -40.49 -21.34 -8.20
C VAL A 125 -41.22 -22.23 -7.20
N THR A 126 -40.72 -22.26 -5.94
CA THR A 126 -41.34 -22.91 -4.78
C THR A 126 -41.83 -21.85 -3.81
N PRO A 127 -43.05 -21.94 -3.28
CA PRO A 127 -43.53 -20.89 -2.37
C PRO A 127 -42.66 -20.66 -1.14
N ALA A 128 -41.99 -21.70 -0.63
CA ALA A 128 -41.29 -21.65 0.66
C ALA A 128 -42.19 -20.93 1.66
N GLU A 129 -43.37 -21.53 1.83
CA GLU A 129 -44.48 -20.93 2.56
C GLU A 129 -44.84 -19.57 1.96
N VAL A 130 -45.04 -19.52 0.63
CA VAL A 130 -45.36 -18.27 -0.08
C VAL A 130 -44.64 -17.10 0.58
N ARG A 131 -43.31 -17.23 0.66
CA ARG A 131 -42.48 -16.21 1.36
C ARG A 131 -42.84 -16.19 2.85
N ARG A 132 -42.82 -17.35 3.51
CA ARG A 132 -43.12 -17.38 4.93
C ARG A 132 -44.26 -16.44 5.26
N TYR A 133 -45.40 -16.73 4.67
CA TYR A 133 -46.60 -15.92 4.80
C TYR A 133 -46.27 -14.48 4.39
N PHE A 134 -45.62 -14.33 3.24
CA PHE A 134 -45.42 -13.02 2.65
C PHE A 134 -44.78 -12.07 3.67
N LYS A 135 -43.61 -12.47 4.16
CA LYS A 135 -42.90 -11.75 5.23
C LYS A 135 -43.78 -11.68 6.47
N GLU A 136 -43.97 -12.85 7.08
CA GLU A 136 -44.71 -12.87 8.33
C GLU A 136 -43.99 -12.01 9.36
N LEU A 137 -44.79 -11.40 10.24
CA LEU A 137 -44.29 -10.50 11.27
C LEU A 137 -43.49 -9.38 10.63
N PRO A 138 -44.01 -8.69 9.60
CA PRO A 138 -43.18 -7.69 8.91
C PRO A 138 -42.71 -6.60 9.87
N GLN A 139 -41.40 -6.57 10.06
CA GLN A 139 -40.67 -5.65 10.93
C GLN A 139 -40.65 -4.24 10.33
N ASP A 140 -40.55 -3.22 11.21
CA ASP A 140 -40.49 -1.84 10.73
C ASP A 140 -39.17 -1.56 10.02
N SER A 141 -38.13 -2.28 10.40
CA SER A 141 -36.84 -2.24 9.75
C SER A 141 -36.90 -3.12 8.49
N ILE A 142 -36.84 -2.48 7.33
CA ILE A 142 -37.08 -3.09 6.02
C ILE A 142 -35.85 -2.88 5.14
N PRO A 143 -35.68 -3.74 4.09
CA PRO A 143 -34.54 -3.59 3.18
C PRO A 143 -34.64 -2.40 2.25
N TYR A 144 -33.60 -2.17 1.45
CA TYR A 144 -33.50 -1.04 0.53
C TYR A 144 -33.52 -1.44 -0.93
N VAL A 145 -32.84 -2.51 -1.35
CA VAL A 145 -32.86 -2.93 -2.75
C VAL A 145 -32.42 -1.77 -3.64
N PRO A 146 -31.13 -1.46 -3.71
CA PRO A 146 -30.73 -0.23 -4.39
C PRO A 146 -30.87 -0.24 -5.90
N THR A 147 -30.29 0.80 -6.48
CA THR A 147 -30.50 1.08 -7.88
C THR A 147 -29.82 0.03 -8.74
N GLN A 148 -30.60 -0.76 -9.45
CA GLN A 148 -30.02 -1.76 -10.35
C GLN A 148 -29.94 -1.17 -11.75
N VAL A 149 -28.86 -1.49 -12.44
CA VAL A 149 -28.46 -0.89 -13.69
C VAL A 149 -28.00 -1.96 -14.66
N GLU A 150 -28.43 -1.87 -15.90
CA GLU A 150 -27.83 -2.65 -16.98
C GLU A 150 -27.23 -1.69 -17.99
N VAL A 151 -25.99 -1.92 -18.41
CA VAL A 151 -25.30 -0.97 -19.28
C VAL A 151 -24.64 -1.73 -20.40
N GLN A 152 -24.76 -1.24 -21.62
CA GLN A 152 -24.03 -1.77 -22.76
C GLN A 152 -22.88 -0.83 -23.12
N ILE A 153 -21.88 -1.37 -23.83
CA ILE A 153 -20.65 -0.62 -24.12
C ILE A 153 -20.01 -1.07 -25.43
N ILE A 154 -19.40 -0.10 -26.11
CA ILE A 154 -18.43 -0.38 -27.16
C ILE A 154 -17.20 0.48 -26.91
N THR A 155 -16.02 -0.17 -26.88
CA THR A 155 -14.72 0.38 -26.54
C THR A 155 -13.76 0.32 -27.73
N GLN A 156 -12.74 1.19 -27.66
CA GLN A 156 -11.68 1.33 -28.65
C GLN A 156 -10.36 1.54 -27.92
N GLN A 157 -9.36 0.77 -28.33
CA GLN A 157 -7.99 0.98 -27.91
C GLN A 157 -7.40 2.12 -28.72
N PRO A 158 -6.91 3.19 -28.10
CA PRO A 158 -6.21 4.23 -28.85
C PRO A 158 -4.84 3.69 -29.26
N LYS A 159 -4.60 3.66 -30.57
CA LYS A 159 -3.37 3.10 -31.13
C LYS A 159 -2.17 3.93 -30.69
N ILE A 160 -1.17 3.28 -30.09
CA ILE A 160 0.01 3.96 -29.58
C ILE A 160 0.83 4.60 -30.71
N PRO A 161 1.00 5.93 -30.70
CA PRO A 161 1.70 6.58 -31.80
C PRO A 161 3.16 6.20 -31.84
N VAL A 162 3.67 6.05 -33.06
CA VAL A 162 5.06 5.69 -33.22
C VAL A 162 5.99 6.78 -32.68
N ALA A 163 5.65 8.06 -32.91
CA ALA A 163 6.52 9.14 -32.44
C ALA A 163 6.66 9.10 -30.94
N GLU A 164 5.66 8.55 -30.24
CA GLU A 164 5.80 8.36 -28.80
C GLU A 164 6.82 7.27 -28.48
N ILE A 165 6.76 6.13 -29.16
CA ILE A 165 7.70 5.09 -28.80
C ILE A 165 9.11 5.58 -29.08
N GLU A 166 9.29 6.25 -30.21
CA GLU A 166 10.59 6.82 -30.52
C GLU A 166 10.94 7.92 -29.53
N ASP A 167 9.95 8.63 -28.99
CA ASP A 167 10.29 9.59 -27.94
C ASP A 167 10.80 8.83 -26.72
N VAL A 168 10.21 7.68 -26.43
CA VAL A 168 10.67 6.88 -25.30
C VAL A 168 12.12 6.44 -25.50
N LYS A 169 12.42 5.92 -26.69
CA LYS A 169 13.77 5.51 -27.00
C LYS A 169 14.71 6.68 -26.92
N ARG A 170 14.27 7.84 -27.40
CA ARG A 170 15.10 9.02 -27.36
C ARG A 170 15.46 9.42 -25.93
N ARG A 171 14.48 9.37 -25.02
CA ARG A 171 14.77 9.70 -23.63
C ARG A 171 15.73 8.69 -23.02
N LEU A 172 15.55 7.41 -23.34
CA LEU A 172 16.46 6.40 -22.81
C LEU A 172 17.88 6.64 -23.31
N ARG A 173 18.05 6.89 -24.62
CA ARG A 173 19.38 7.15 -25.17
C ARG A 173 20.00 8.38 -24.52
N GLU A 174 19.20 9.43 -24.33
CA GLU A 174 19.67 10.66 -23.69
C GLU A 174 20.14 10.34 -22.31
N TYR A 175 19.41 9.46 -21.63
CA TYR A 175 19.81 9.06 -20.30
C TYR A 175 21.15 8.34 -20.35
N THR A 176 21.33 7.47 -21.36
CA THR A 176 22.59 6.76 -21.55
C THR A 176 23.76 7.73 -21.69
N ASP A 177 23.62 8.72 -22.58
CA ASP A 177 24.66 9.72 -22.79
C ASP A 177 24.91 10.59 -21.53
N ARG A 178 23.84 11.00 -20.83
CA ARG A 178 23.99 11.85 -19.63
C ARG A 178 24.78 11.13 -18.55
N ILE A 179 24.49 9.85 -18.32
CA ILE A 179 25.21 9.13 -17.27
C ILE A 179 26.66 8.88 -17.70
N ASN A 180 26.87 8.48 -18.97
CA ASN A 180 28.21 8.12 -19.41
C ASN A 180 29.14 9.33 -19.43
N LYS A 181 28.66 10.48 -19.92
CA LYS A 181 29.53 11.65 -19.89
C LYS A 181 29.68 12.21 -18.46
N GLY A 182 29.04 11.56 -17.47
CA GLY A 182 29.08 12.02 -16.09
C GLY A 182 28.39 13.33 -15.77
N GLU A 183 27.26 13.62 -16.44
CA GLU A 183 26.51 14.87 -16.23
C GLU A 183 25.50 14.77 -15.11
N SER A 184 25.04 13.54 -14.81
CA SER A 184 24.12 13.23 -13.72
C SER A 184 24.17 11.74 -13.40
N ASP A 185 24.00 11.41 -12.11
CA ASP A 185 24.17 10.00 -11.70
C ASP A 185 23.03 9.15 -12.27
N PHE A 186 23.35 7.88 -12.58
CA PHE A 186 22.34 6.97 -13.05
C PHE A 186 21.28 6.69 -11.98
N SER A 187 21.69 6.61 -10.71
CA SER A 187 20.70 6.36 -9.66
C SER A 187 19.68 7.49 -9.60
N THR A 188 20.12 8.75 -9.69
CA THR A 188 19.21 9.87 -9.62
C THR A 188 18.21 9.86 -10.77
N LEU A 189 18.68 9.56 -11.98
CA LEU A 189 17.79 9.46 -13.13
C LEU A 189 16.82 8.31 -12.98
N ALA A 190 17.28 7.17 -12.46
CA ALA A 190 16.33 6.08 -12.26
C ALA A 190 15.23 6.51 -11.29
N LEU A 191 15.62 7.07 -10.15
CA LEU A 191 14.65 7.53 -9.16
C LEU A 191 13.68 8.54 -9.77
N LEU A 192 14.20 9.53 -10.49
CA LEU A 192 13.34 10.59 -10.97
C LEU A 192 12.44 10.11 -12.09
N TYR A 193 13.00 9.35 -13.05
CA TYR A 193 12.28 9.13 -14.28
C TYR A 193 11.76 7.72 -14.47
N SER A 194 12.28 6.72 -13.74
CA SER A 194 11.90 5.34 -14.01
C SER A 194 10.45 5.06 -13.70
N GLU A 195 9.79 4.36 -14.62
CA GLU A 195 8.40 4.04 -14.38
C GLU A 195 8.24 2.79 -13.53
N ASP A 196 9.34 2.09 -13.20
CA ASP A 196 9.29 0.98 -12.25
C ASP A 196 9.35 1.57 -10.85
N ARG A 197 8.17 1.82 -10.28
CA ARG A 197 8.07 2.51 -9.00
C ARG A 197 8.90 1.79 -7.94
N GLY A 198 8.84 0.46 -7.91
CA GLY A 198 9.55 -0.28 -6.89
C GLY A 198 11.05 -0.10 -6.98
N SER A 199 11.61 -0.33 -8.16
CA SER A 199 13.06 -0.22 -8.33
C SER A 199 13.55 1.21 -8.18
N ALA A 200 12.77 2.16 -8.71
CA ALA A 200 13.23 3.54 -8.83
C ALA A 200 13.62 4.13 -7.47
N ILE A 201 12.76 3.92 -6.45
CA ILE A 201 12.99 4.53 -5.13
C ILE A 201 14.29 4.04 -4.51
N LYS A 202 14.72 2.82 -4.84
CA LYS A 202 15.92 2.21 -4.32
C LYS A 202 17.07 2.39 -5.28
N GLY A 203 17.07 3.50 -6.01
CA GLY A 203 18.16 3.77 -6.94
C GLY A 203 18.08 3.00 -8.23
N GLY A 204 16.91 2.45 -8.58
CA GLY A 204 16.74 1.67 -9.80
C GLY A 204 17.07 0.21 -9.64
N GLU A 205 17.59 -0.20 -8.48
CA GLU A 205 18.08 -1.56 -8.26
C GLU A 205 16.94 -2.57 -8.29
N THR A 206 17.26 -3.77 -8.77
CA THR A 206 16.32 -4.89 -8.77
C THR A 206 16.66 -5.93 -7.72
N GLY A 207 17.80 -5.80 -7.04
CA GLY A 207 18.23 -6.82 -6.12
C GLY A 207 18.91 -7.95 -6.88
N PHE A 208 19.40 -8.93 -6.11
CA PHE A 208 20.12 -10.03 -6.75
C PHE A 208 19.17 -11.06 -7.37
N MET A 209 17.92 -10.68 -7.66
CA MET A 209 16.97 -11.63 -8.21
C MET A 209 17.39 -12.06 -9.62
N GLY A 210 17.37 -13.36 -9.84
CA GLY A 210 17.66 -13.96 -11.13
C GLY A 210 16.70 -15.12 -11.31
N LYS A 211 17.25 -16.30 -11.57
CA LYS A 211 16.57 -17.59 -11.70
C LYS A 211 15.86 -17.74 -13.03
N GLY A 212 15.86 -16.72 -13.89
CA GLY A 212 15.08 -16.74 -15.09
C GLY A 212 13.72 -16.09 -14.96
N GLN A 213 13.24 -15.88 -13.72
CA GLN A 213 11.90 -15.28 -13.52
C GLN A 213 11.88 -13.88 -14.04
N MET A 214 13.06 -13.27 -14.23
CA MET A 214 13.18 -12.03 -14.93
C MET A 214 12.65 -12.28 -16.34
N VAL A 215 11.88 -11.34 -16.88
CA VAL A 215 11.24 -11.53 -18.18
C VAL A 215 12.35 -11.93 -19.16
N PRO A 216 12.10 -12.89 -20.09
CA PRO A 216 13.23 -13.51 -20.83
C PRO A 216 14.22 -12.56 -21.57
N GLU A 217 13.74 -11.48 -22.20
CA GLU A 217 14.60 -10.54 -22.94
C GLU A 217 15.57 -9.80 -21.99
N TYR A 218 15.08 -9.36 -20.83
CA TYR A 218 15.89 -8.62 -19.86
C TYR A 218 17.02 -9.47 -19.26
N ALA A 219 16.69 -10.71 -18.86
CA ALA A 219 17.72 -11.65 -18.43
C ALA A 219 18.67 -12.01 -19.58
N ASN A 220 18.13 -12.03 -20.81
CA ASN A 220 18.91 -12.40 -21.99
C ASN A 220 20.02 -11.40 -22.25
N VAL A 221 19.69 -10.11 -22.18
CA VAL A 221 20.71 -9.09 -22.43
C VAL A 221 21.48 -8.78 -21.14
N ALA A 222 20.90 -9.07 -19.97
CA ALA A 222 21.54 -8.72 -18.71
C ALA A 222 22.80 -9.55 -18.45
N PHE A 223 22.74 -10.88 -18.69
CA PHE A 223 23.86 -11.73 -18.32
C PHE A 223 25.00 -11.59 -19.30
N ASN A 224 24.69 -11.23 -20.55
CA ASN A 224 25.71 -11.07 -21.59
C ASN A 224 26.64 -9.91 -21.26
N LEU A 225 26.19 -8.99 -20.43
CA LEU A 225 26.96 -7.81 -20.09
C LEU A 225 28.04 -8.17 -19.09
N GLN A 226 29.25 -7.66 -19.33
CA GLN A 226 30.40 -7.93 -18.49
C GLN A 226 30.95 -6.68 -17.81
N ASP A 227 31.20 -5.61 -18.57
CA ASP A 227 31.77 -4.40 -18.00
C ASP A 227 30.85 -3.79 -16.95
N THR A 228 31.41 -3.38 -15.81
CA THR A 228 30.64 -2.64 -14.83
C THR A 228 30.40 -1.25 -15.41
N LYS A 229 29.36 -0.58 -14.93
CA LYS A 229 28.99 0.74 -15.47
C LYS A 229 28.60 0.66 -16.95
N LYS A 230 28.09 -0.52 -17.34
CA LYS A 230 27.73 -0.77 -18.75
C LYS A 230 26.25 -0.50 -19.02
N ILE A 231 25.98 0.44 -19.91
CA ILE A 231 24.63 0.77 -20.32
C ILE A 231 24.16 -0.19 -21.40
N SER A 232 23.10 -0.91 -21.10
CA SER A 232 22.60 -1.87 -22.06
C SER A 232 21.96 -1.15 -23.24
N LYS A 233 21.61 -1.94 -24.24
CA LYS A 233 20.81 -1.43 -25.33
C LYS A 233 19.35 -1.38 -24.88
N ILE A 234 18.57 -0.54 -25.56
CA ILE A 234 17.15 -0.45 -25.31
C ILE A 234 16.56 -1.81 -25.62
N VAL A 235 15.93 -2.41 -24.61
CA VAL A 235 15.28 -3.70 -24.75
C VAL A 235 13.83 -3.59 -24.32
N GLU A 236 12.94 -4.23 -25.08
CA GLU A 236 11.51 -4.11 -24.86
C GLU A 236 11.01 -5.34 -24.12
N SER A 237 10.09 -5.11 -23.18
CA SER A 237 9.45 -6.14 -22.37
C SER A 237 7.95 -5.86 -22.34
N GLU A 238 7.21 -6.78 -21.74
CA GLU A 238 5.75 -6.59 -21.65
C GLU A 238 5.41 -5.40 -20.76
N TYR A 239 6.30 -5.05 -19.82
CA TYR A 239 6.12 -3.84 -19.01
C TYR A 239 6.34 -2.57 -19.82
N GLY A 240 7.55 -2.39 -20.35
CA GLY A 240 7.87 -1.21 -21.14
C GLY A 240 9.27 -1.31 -21.73
N PHE A 241 9.99 -0.18 -21.85
CA PHE A 241 11.35 -0.18 -22.35
C PHE A 241 12.32 0.01 -21.21
N HIS A 242 13.45 -0.70 -21.27
CA HIS A 242 14.41 -0.78 -20.18
C HIS A 242 15.82 -0.45 -20.65
N ILE A 243 16.59 0.20 -19.77
CA ILE A 243 18.04 0.25 -19.92
C ILE A 243 18.65 -0.26 -18.61
N ILE A 244 19.74 -1.02 -18.74
CA ILE A 244 20.26 -1.89 -17.71
C ILE A 244 21.72 -1.56 -17.46
N GLN A 245 22.09 -1.65 -16.16
CA GLN A 245 23.49 -1.47 -15.71
C GLN A 245 23.73 -2.51 -14.61
N LEU A 246 24.63 -3.47 -14.83
CA LEU A 246 24.88 -4.55 -13.91
C LEU A 246 25.50 -4.04 -12.62
N ILE A 247 25.10 -4.62 -11.49
CA ILE A 247 25.68 -4.25 -10.21
C ILE A 247 26.65 -5.35 -9.81
N GLU A 248 26.11 -6.54 -9.55
CA GLU A 248 26.88 -7.67 -9.02
C GLU A 248 26.15 -8.97 -9.39
N LYS A 249 26.92 -10.06 -9.52
CA LYS A 249 26.43 -11.34 -10.04
C LYS A 249 26.91 -12.48 -9.12
N ARG A 250 25.95 -13.18 -8.50
CA ARG A 250 26.22 -14.37 -7.66
C ARG A 250 25.71 -15.59 -8.43
N GLY A 251 26.55 -16.14 -9.30
CA GLY A 251 26.15 -17.28 -10.12
C GLY A 251 25.01 -16.91 -11.06
N ASP A 252 23.93 -17.69 -11.01
CA ASP A 252 22.76 -17.41 -11.84
C ASP A 252 21.94 -16.24 -11.30
N ARG A 253 22.07 -15.93 -10.00
CA ARG A 253 21.41 -14.77 -9.41
C ARG A 253 22.22 -13.52 -9.80
N ILE A 254 21.55 -12.51 -10.33
CA ILE A 254 22.22 -11.31 -10.81
C ILE A 254 21.51 -10.05 -10.26
N ASN A 255 22.30 -9.04 -9.91
CA ASN A 255 21.80 -7.73 -9.51
C ASN A 255 22.01 -6.76 -10.65
N THR A 256 20.95 -6.03 -11.00
CA THR A 256 21.01 -5.05 -12.09
C THR A 256 20.03 -3.92 -11.84
N ARG A 257 20.53 -2.69 -12.03
CA ARG A 257 19.71 -1.50 -12.02
C ARG A 257 19.13 -1.31 -13.40
N HIS A 258 17.93 -0.73 -13.44
CA HIS A 258 17.27 -0.49 -14.72
C HIS A 258 16.33 0.71 -14.59
N ILE A 259 16.18 1.40 -15.73
CA ILE A 259 15.19 2.46 -15.93
C ILE A 259 14.15 1.96 -16.91
N LEU A 260 12.89 2.06 -16.46
CA LEU A 260 11.75 1.60 -17.28
C LEU A 260 10.89 2.80 -17.67
N LEU A 261 10.54 2.90 -18.95
CA LEU A 261 9.67 3.94 -19.48
C LEU A 261 8.60 3.29 -20.32
N LYS A 262 7.35 3.65 -20.06
CA LYS A 262 6.24 3.04 -20.74
C LYS A 262 5.72 3.98 -21.82
N PRO A 263 5.62 3.55 -23.09
CA PRO A 263 5.03 4.42 -24.11
C PRO A 263 3.56 4.71 -23.79
N LYS A 264 3.25 6.00 -23.68
CA LYS A 264 1.94 6.48 -23.24
C LYS A 264 1.08 7.00 -24.40
N VAL A 265 -0.25 7.04 -24.20
CA VAL A 265 -1.17 7.52 -25.23
C VAL A 265 -1.34 9.03 -25.15
N SER A 266 -1.12 9.71 -26.27
CA SER A 266 -1.27 11.16 -26.36
C SER A 266 -2.72 11.57 -26.20
N ASP A 267 -2.95 12.71 -25.53
CA ASP A 267 -4.31 13.20 -25.37
C ASP A 267 -4.97 13.42 -26.72
N LYS A 268 -4.19 13.78 -27.74
CA LYS A 268 -4.75 14.02 -29.07
C LYS A 268 -5.27 12.74 -29.70
N GLU A 269 -4.56 11.62 -29.51
CA GLU A 269 -5.04 10.34 -30.03
C GLU A 269 -6.34 9.91 -29.35
N LEU A 270 -6.44 10.14 -28.03
CA LEU A 270 -7.68 9.92 -27.31
C LEU A 270 -8.79 10.84 -27.81
N ASP A 271 -8.47 12.11 -28.05
CA ASP A 271 -9.49 13.01 -28.56
C ASP A 271 -10.03 12.52 -29.89
N GLU A 272 -9.14 12.07 -30.77
CA GLU A 272 -9.58 11.55 -32.07
C GLU A 272 -10.49 10.33 -31.89
N ALA A 273 -10.10 9.38 -31.04
CA ALA A 273 -10.91 8.18 -30.87
C ALA A 273 -12.25 8.55 -30.29
N ASN A 274 -12.25 9.45 -29.33
CA ASN A 274 -13.51 9.85 -28.77
C ASN A 274 -14.39 10.48 -29.84
N ALA A 275 -13.83 11.35 -30.70
CA ALA A 275 -14.67 11.97 -31.72
C ALA A 275 -15.22 10.94 -32.69
N ARG A 276 -14.42 9.94 -33.02
CA ARG A 276 -14.93 8.86 -33.87
C ARG A 276 -16.05 8.10 -33.20
N LEU A 277 -15.92 7.80 -31.90
CA LEU A 277 -17.00 7.10 -31.19
C LEU A 277 -18.26 7.94 -31.11
N ASP A 278 -18.09 9.23 -30.88
CA ASP A 278 -19.21 10.14 -30.86
C ASP A 278 -19.90 10.15 -32.24
N SER A 279 -19.11 10.11 -33.34
CA SER A 279 -19.74 10.00 -34.67
C SER A 279 -20.47 8.68 -34.85
N ILE A 280 -19.88 7.59 -34.33
CA ILE A 280 -20.55 6.30 -34.38
C ILE A 280 -21.87 6.39 -33.65
N ALA A 281 -21.88 7.12 -32.54
CA ALA A 281 -23.10 7.27 -31.76
C ALA A 281 -24.18 8.03 -32.52
N ASN A 282 -23.80 9.11 -33.23
CA ASN A 282 -24.79 9.86 -34.01
C ASN A 282 -25.41 8.99 -35.05
N ASP A 283 -24.56 8.15 -35.68
CA ASP A 283 -25.02 7.16 -36.65
C ASP A 283 -25.97 6.14 -36.00
N ILE A 284 -25.68 5.73 -34.75
CA ILE A 284 -26.59 4.84 -34.02
C ILE A 284 -27.94 5.52 -33.84
N ARG A 285 -27.89 6.79 -33.42
CA ARG A 285 -29.10 7.53 -33.07
C ARG A 285 -30.00 7.66 -34.28
N SER A 286 -29.43 8.03 -35.42
CA SER A 286 -30.16 8.16 -36.65
C SER A 286 -30.60 6.79 -37.26
N ASP A 287 -30.38 5.74 -36.48
CA ASP A 287 -30.86 4.40 -36.79
C ASP A 287 -30.25 3.84 -38.06
N LYS A 288 -29.09 4.37 -38.47
CA LYS A 288 -28.34 3.80 -39.59
C LYS A 288 -27.94 2.35 -39.33
N PHE A 289 -27.46 2.06 -38.12
CA PHE A 289 -27.12 0.70 -37.74
C PHE A 289 -27.18 0.61 -36.23
N THR A 290 -27.72 -0.49 -35.74
CA THR A 290 -27.96 -0.49 -34.32
C THR A 290 -26.68 -0.66 -33.51
N PHE A 291 -26.76 -0.18 -32.28
CA PHE A 291 -25.68 -0.29 -31.31
C PHE A 291 -25.34 -1.74 -31.07
N ASP A 292 -26.30 -2.63 -31.23
CA ASP A 292 -26.04 -4.06 -31.07
C ASP A 292 -25.03 -4.55 -32.13
N GLN A 293 -25.23 -4.10 -33.39
CA GLN A 293 -24.40 -4.41 -34.55
C GLN A 293 -23.02 -3.75 -34.49
N ALA A 294 -22.97 -2.48 -34.07
CA ALA A 294 -21.70 -1.81 -33.88
C ALA A 294 -20.91 -2.45 -32.77
N ALA A 295 -21.61 -2.98 -31.77
CA ALA A 295 -20.91 -3.74 -30.74
C ALA A 295 -20.28 -5.01 -31.33
N SER A 296 -21.01 -5.74 -32.16
CA SER A 296 -20.39 -6.97 -32.66
C SER A 296 -19.42 -6.71 -33.80
N ALA A 297 -19.25 -5.48 -34.26
CA ALA A 297 -18.28 -5.21 -35.31
C ALA A 297 -17.16 -4.28 -34.94
N LEU A 298 -17.27 -3.52 -33.86
CA LEU A 298 -16.26 -2.51 -33.50
C LEU A 298 -15.84 -2.47 -32.03
N SER A 299 -16.60 -3.05 -31.12
CA SER A 299 -16.22 -3.05 -29.72
C SER A 299 -14.95 -3.85 -29.57
N GLN A 300 -14.04 -3.40 -28.72
CA GLN A 300 -12.83 -4.18 -28.46
C GLN A 300 -12.84 -4.81 -27.07
N ASP A 301 -14.04 -4.96 -26.48
CA ASP A 301 -14.13 -5.66 -25.19
C ASP A 301 -13.86 -7.15 -25.34
N LYS A 302 -14.35 -7.78 -26.41
CA LYS A 302 -14.10 -9.20 -26.73
C LYS A 302 -14.74 -10.18 -25.73
N ASP A 303 -15.19 -9.70 -24.59
CA ASP A 303 -15.92 -10.52 -23.66
C ASP A 303 -17.40 -10.26 -23.71
N THR A 304 -17.72 -9.04 -24.10
CA THR A 304 -19.05 -8.51 -24.30
C THR A 304 -19.31 -8.07 -25.73
N ARG A 305 -18.36 -8.28 -26.65
CA ARG A 305 -18.48 -7.75 -27.99
C ARG A 305 -19.72 -8.27 -28.71
N ASN A 306 -19.86 -9.60 -28.78
CA ASN A 306 -20.94 -10.18 -29.56
C ASN A 306 -22.27 -10.12 -28.82
N ASN A 307 -22.24 -10.15 -27.50
CA ASN A 307 -23.43 -10.11 -26.65
C ASN A 307 -24.02 -8.72 -26.45
N HIS A 308 -24.22 -8.01 -27.57
CA HIS A 308 -24.83 -6.68 -27.61
C HIS A 308 -24.12 -5.67 -26.70
N GLY A 309 -22.79 -5.78 -26.62
CA GLY A 309 -21.97 -4.88 -25.80
C GLY A 309 -22.32 -4.86 -24.32
N LEU A 310 -23.13 -5.82 -23.89
CA LEU A 310 -23.66 -5.79 -22.54
C LEU A 310 -22.65 -6.20 -21.49
N MET A 311 -22.51 -5.34 -20.47
CA MET A 311 -21.61 -5.55 -19.37
C MET A 311 -22.23 -6.58 -18.44
N GLN A 312 -21.36 -7.46 -17.93
CA GLN A 312 -21.72 -8.58 -17.10
C GLN A 312 -21.10 -8.37 -15.73
N ASN A 313 -21.89 -8.53 -14.71
CA ASN A 313 -21.43 -8.25 -13.36
C ASN A 313 -20.64 -9.42 -12.81
N PRO A 314 -19.41 -9.20 -12.34
CA PRO A 314 -18.67 -10.31 -11.74
C PRO A 314 -19.24 -10.80 -10.41
N GLN A 315 -19.80 -9.92 -9.57
CA GLN A 315 -20.28 -10.36 -8.26
C GLN A 315 -21.46 -11.30 -8.40
N ASN A 316 -22.49 -10.91 -9.15
CA ASN A 316 -23.65 -11.75 -9.27
C ASN A 316 -23.69 -12.56 -10.55
N GLN A 317 -22.65 -12.46 -11.38
CA GLN A 317 -22.55 -13.27 -12.60
C GLN A 317 -23.72 -12.99 -13.55
N THR A 318 -24.41 -11.88 -13.37
CA THR A 318 -25.50 -11.45 -14.22
C THR A 318 -25.13 -10.15 -14.88
N ALA A 319 -26.08 -9.63 -15.63
CA ALA A 319 -25.90 -8.37 -16.34
C ALA A 319 -26.27 -7.14 -15.53
N LYS A 320 -26.85 -7.35 -14.35
CA LYS A 320 -27.33 -6.17 -13.56
C LYS A 320 -26.13 -5.53 -12.86
N PHE A 321 -26.27 -4.28 -12.43
CA PHE A 321 -25.17 -3.57 -11.75
C PHE A 321 -25.74 -2.71 -10.62
N GLU A 322 -24.93 -2.38 -9.62
CA GLU A 322 -25.46 -1.66 -8.45
C GLU A 322 -24.74 -0.31 -8.28
N MET A 323 -24.35 0.36 -9.36
CA MET A 323 -23.73 1.73 -9.24
C MET A 323 -22.45 1.69 -8.40
N GLN A 324 -22.01 0.53 -7.91
CA GLN A 324 -20.82 0.42 -7.11
C GLN A 324 -19.95 -0.72 -7.56
N ASP A 325 -20.55 -1.76 -8.15
CA ASP A 325 -19.83 -2.85 -8.78
C ASP A 325 -19.50 -2.52 -10.25
N LEU A 326 -19.61 -1.24 -10.57
CA LEU A 326 -19.21 -0.90 -11.94
C LEU A 326 -18.11 0.17 -11.86
N PRO A 327 -17.15 0.13 -12.80
CA PRO A 327 -16.02 1.05 -12.85
C PRO A 327 -16.50 2.47 -12.63
N GLN A 328 -15.65 3.23 -11.95
CA GLN A 328 -16.03 4.57 -11.53
C GLN A 328 -16.41 5.40 -12.73
N GLU A 329 -15.62 5.31 -13.79
CA GLU A 329 -15.87 6.08 -14.99
C GLU A 329 -17.28 5.82 -15.54
N ILE A 330 -17.63 4.55 -15.77
CA ILE A 330 -18.94 4.25 -16.35
C ILE A 330 -20.08 4.67 -15.44
N ALA A 331 -19.99 4.35 -14.15
CA ALA A 331 -21.03 4.70 -13.20
C ALA A 331 -21.21 6.22 -13.13
N LYS A 332 -20.12 6.98 -13.08
CA LYS A 332 -20.25 8.43 -13.13
C LYS A 332 -21.03 8.81 -14.36
N VAL A 333 -20.69 8.19 -15.50
CA VAL A 333 -21.32 8.56 -16.77
C VAL A 333 -22.79 8.23 -16.77
N VAL A 334 -23.15 7.17 -16.02
CA VAL A 334 -24.51 6.67 -16.00
C VAL A 334 -25.32 7.44 -14.99
N ASP A 335 -24.69 7.95 -13.93
CA ASP A 335 -25.43 8.68 -12.91
C ASP A 335 -26.35 9.67 -13.57
N LYS A 336 -25.86 10.35 -14.59
CA LYS A 336 -26.65 11.40 -15.23
C LYS A 336 -27.24 10.99 -16.58
N MET A 337 -27.44 9.69 -16.79
CA MET A 337 -27.99 9.14 -18.03
C MET A 337 -29.37 8.50 -17.79
N ASN A 338 -30.33 8.84 -18.64
CA ASN A 338 -31.61 8.17 -18.60
C ASN A 338 -31.51 6.88 -19.42
N ILE A 339 -32.55 6.06 -19.33
CA ILE A 339 -32.61 4.79 -20.03
C ILE A 339 -32.52 5.04 -21.54
N GLY A 340 -32.03 4.04 -22.27
CA GLY A 340 -32.02 4.09 -23.73
C GLY A 340 -31.23 5.23 -24.36
N GLU A 341 -30.22 5.77 -23.67
CA GLU A 341 -29.37 6.86 -24.16
C GLU A 341 -27.91 6.37 -24.31
N ILE A 342 -27.30 6.61 -25.49
CA ILE A 342 -25.88 6.32 -25.72
C ILE A 342 -25.03 7.50 -25.25
N SER A 343 -23.94 7.21 -24.53
CA SER A 343 -23.25 8.30 -23.86
C SER A 343 -22.39 9.12 -24.80
N LYS A 344 -21.81 10.16 -24.23
CA LYS A 344 -20.77 10.81 -24.98
C LYS A 344 -19.50 10.04 -24.73
N ALA A 345 -18.60 10.05 -25.73
CA ALA A 345 -17.39 9.26 -25.73
C ALA A 345 -16.52 9.68 -24.57
N PHE A 346 -16.07 8.71 -23.82
CA PHE A 346 -15.32 9.06 -22.63
C PHE A 346 -14.08 8.23 -22.55
N THR A 347 -13.18 8.61 -21.64
CA THR A 347 -11.93 7.90 -21.47
C THR A 347 -11.87 7.19 -20.13
N MET A 348 -11.75 5.86 -20.18
CA MET A 348 -11.86 4.97 -19.05
C MET A 348 -10.58 4.16 -18.93
N VAL A 349 -10.18 3.92 -17.69
CA VAL A 349 -9.07 3.01 -17.42
C VAL A 349 -9.59 1.58 -17.55
N ASN A 350 -9.04 0.83 -18.48
CA ASN A 350 -9.49 -0.54 -18.61
C ASN A 350 -9.11 -1.31 -17.35
N PRO A 351 -10.08 -1.87 -16.62
CA PRO A 351 -9.75 -2.44 -15.29
C PRO A 351 -8.76 -3.59 -15.29
N LYS A 352 -8.73 -4.43 -16.32
CA LYS A 352 -7.84 -5.58 -16.25
C LYS A 352 -6.38 -5.18 -16.53
N ASP A 353 -6.11 -4.64 -17.71
CA ASP A 353 -4.75 -4.34 -18.16
C ASP A 353 -4.14 -3.06 -17.56
N GLY A 354 -4.94 -2.18 -16.94
CA GLY A 354 -4.46 -0.90 -16.46
C GLY A 354 -4.14 0.17 -17.49
N LYS A 355 -4.69 0.07 -18.71
CA LYS A 355 -4.46 0.99 -19.82
C LYS A 355 -5.69 1.82 -20.17
N GLU A 356 -5.47 2.96 -20.82
CA GLU A 356 -6.57 3.88 -21.13
C GLU A 356 -7.23 3.50 -22.46
N VAL A 357 -8.56 3.47 -22.45
CA VAL A 357 -9.39 3.17 -23.61
C VAL A 357 -10.54 4.16 -23.68
N CYS A 358 -10.90 4.53 -24.90
CA CYS A 358 -12.07 5.37 -25.06
C CYS A 358 -13.27 4.43 -25.24
N ALA A 359 -14.48 4.92 -24.88
CA ALA A 359 -15.71 4.12 -24.94
C ALA A 359 -16.95 5.00 -24.97
N ILE A 360 -18.07 4.34 -25.35
CA ILE A 360 -19.40 4.87 -25.15
C ILE A 360 -20.31 3.73 -24.68
N VAL A 361 -21.27 4.12 -23.81
CA VAL A 361 -22.23 3.26 -23.09
C VAL A 361 -23.64 3.70 -23.42
N LYS A 362 -24.55 2.74 -23.33
CA LYS A 362 -25.98 2.94 -23.53
C LYS A 362 -26.69 2.24 -22.39
N LEU A 363 -27.43 2.99 -21.57
CA LEU A 363 -28.09 2.45 -20.39
C LEU A 363 -29.29 1.62 -20.79
N LYS A 364 -29.27 0.35 -20.45
CA LYS A 364 -30.28 -0.56 -20.92
C LYS A 364 -31.52 -0.52 -20.05
N SER A 365 -31.33 -0.59 -18.72
CA SER A 365 -32.36 -0.58 -17.69
C SER A 365 -31.85 0.10 -16.42
N ARG A 366 -32.77 0.70 -15.66
CA ARG A 366 -32.44 1.28 -14.36
C ARG A 366 -33.67 1.13 -13.48
N ILE A 367 -33.55 0.27 -12.46
CA ILE A 367 -34.52 0.20 -11.37
C ILE A 367 -34.08 1.22 -10.33
N ASN A 368 -34.72 2.39 -10.32
CA ASN A 368 -34.25 3.45 -9.46
C ASN A 368 -34.57 3.12 -8.00
N GLY A 369 -33.70 3.60 -7.10
CA GLY A 369 -33.96 3.63 -5.68
C GLY A 369 -34.63 2.37 -5.23
N HIS A 370 -35.91 2.51 -4.91
CA HIS A 370 -36.84 1.42 -4.68
C HIS A 370 -36.67 0.82 -3.28
N LYS A 371 -37.73 0.17 -2.77
CA LYS A 371 -37.83 -0.49 -1.46
C LYS A 371 -38.55 -1.81 -1.64
N ALA A 372 -38.41 -2.74 -0.70
CA ALA A 372 -38.99 -4.03 -1.05
C ALA A 372 -40.51 -3.95 -1.00
N THR A 373 -41.16 -4.19 -2.14
CA THR A 373 -42.61 -4.01 -2.26
C THR A 373 -43.41 -5.30 -2.20
N ILE A 374 -42.72 -6.45 -2.16
CA ILE A 374 -43.21 -7.85 -2.03
C ILE A 374 -43.93 -8.31 -3.27
N THR A 375 -44.05 -7.42 -4.27
CA THR A 375 -44.75 -7.83 -5.47
C THR A 375 -43.82 -8.10 -6.64
N ASP A 376 -42.74 -7.34 -6.78
CA ASP A 376 -41.71 -7.64 -7.76
C ASP A 376 -40.37 -7.99 -7.13
N ASP A 377 -40.14 -7.52 -5.90
CA ASP A 377 -38.92 -7.78 -5.15
C ASP A 377 -39.03 -9.10 -4.38
N TYR A 378 -39.86 -10.01 -4.86
CA TYR A 378 -40.10 -11.23 -4.11
C TYR A 378 -38.98 -12.23 -4.26
N GLN A 379 -38.25 -12.19 -5.36
CA GLN A 379 -37.08 -13.05 -5.45
C GLN A 379 -36.08 -12.68 -4.37
N ASN A 380 -35.90 -11.38 -4.15
CA ASN A 380 -34.98 -10.92 -3.11
C ASN A 380 -35.39 -11.44 -1.76
N LEU A 381 -36.66 -11.29 -1.42
CA LEU A 381 -37.17 -11.78 -0.16
C LEU A 381 -36.95 -13.28 -0.03
N LYS A 382 -37.31 -14.02 -1.08
CA LYS A 382 -37.12 -15.45 -1.09
C LYS A 382 -35.68 -15.80 -0.76
N GLU A 383 -34.75 -15.11 -1.42
CA GLU A 383 -33.33 -15.28 -1.15
C GLU A 383 -32.99 -15.01 0.31
N ILE A 384 -33.52 -13.91 0.85
CA ILE A 384 -33.19 -13.50 2.23
C ILE A 384 -33.57 -14.57 3.23
N VAL A 385 -34.82 -15.04 3.15
CA VAL A 385 -35.27 -16.05 4.10
C VAL A 385 -34.52 -17.36 3.90
N LEU A 386 -34.33 -17.79 2.64
CA LEU A 386 -33.62 -19.05 2.43
C LEU A 386 -32.24 -19.02 3.08
N ASP A 387 -31.46 -17.97 2.81
CA ASP A 387 -30.11 -17.88 3.37
C ASP A 387 -30.15 -17.88 4.89
N LYS A 388 -31.07 -17.11 5.48
CA LYS A 388 -31.18 -17.10 6.93
C LYS A 388 -31.46 -18.49 7.50
N ARG A 389 -32.48 -19.18 6.97
CA ARG A 389 -32.78 -20.53 7.42
C ARG A 389 -31.63 -21.51 7.16
N ARG A 390 -30.95 -21.42 6.01
CA ARG A 390 -29.82 -22.31 5.72
C ARG A 390 -28.71 -22.15 6.74
N GLU A 391 -28.36 -20.91 7.08
CA GLU A 391 -27.37 -20.68 8.13
C GLU A 391 -27.83 -21.27 9.45
N GLU A 392 -29.11 -21.12 9.77
CA GLU A 392 -29.65 -21.74 11.00
C GLU A 392 -29.43 -23.25 10.98
N ALA A 393 -29.78 -23.89 9.85
CA ALA A 393 -29.62 -25.34 9.71
C ALA A 393 -28.16 -25.78 9.74
N LEU A 394 -27.27 -25.05 9.05
CA LEU A 394 -25.86 -25.41 9.04
C LEU A 394 -25.24 -25.29 10.43
N GLN A 395 -25.61 -24.26 11.21
CA GLN A 395 -25.11 -24.16 12.59
C GLN A 395 -25.60 -25.36 13.41
N LYS A 396 -26.94 -25.74 13.12
CA LYS A 396 -27.42 -26.97 13.73
C LYS A 396 -26.54 -28.17 13.38
N TRP A 397 -26.20 -28.30 12.09
CA TRP A 397 -25.29 -29.34 11.62
C TRP A 397 -23.92 -29.27 12.27
N ILE A 398 -23.40 -28.04 12.40
CA ILE A 398 -22.11 -27.82 13.03
C ILE A 398 -22.14 -28.32 14.47
N VAL A 399 -23.24 -28.03 15.18
CA VAL A 399 -23.34 -28.44 16.61
C VAL A 399 -23.32 -29.97 16.68
N GLU A 400 -24.15 -30.63 15.87
CA GLU A 400 -24.25 -32.11 15.90
C GLU A 400 -22.88 -32.72 15.65
N LYS A 401 -22.31 -32.49 14.47
CA LYS A 401 -21.03 -33.10 14.11
C LYS A 401 -19.93 -32.64 15.03
N GLN A 402 -20.13 -31.55 15.73
CA GLN A 402 -19.18 -31.13 16.74
C GLN A 402 -19.22 -32.09 17.91
N LYS A 403 -20.39 -32.68 18.22
CA LYS A 403 -20.49 -33.70 19.26
C LYS A 403 -20.08 -35.09 18.79
N HIS A 404 -20.09 -35.29 17.40
CA HIS A 404 -19.73 -36.63 16.95
C HIS A 404 -18.29 -36.79 16.47
N THR A 405 -17.54 -35.72 16.26
CA THR A 405 -16.17 -35.88 15.79
C THR A 405 -15.15 -35.40 16.82
N TYR A 406 -13.89 -35.85 16.65
CA TYR A 406 -12.84 -35.58 17.64
C TYR A 406 -12.38 -34.12 17.63
N VAL A 407 -12.04 -33.64 18.82
CA VAL A 407 -11.61 -32.26 19.03
C VAL A 407 -10.49 -32.24 20.07
N ARG A 408 -9.42 -31.54 19.75
CA ARG A 408 -8.30 -31.37 20.67
C ARG A 408 -7.65 -30.03 20.38
N ILE A 409 -7.54 -29.24 21.45
CA ILE A 409 -7.08 -27.87 21.44
C ILE A 409 -5.84 -27.78 22.32
N ASN A 410 -4.83 -27.04 21.85
CA ASN A 410 -3.63 -26.82 22.64
C ASN A 410 -4.08 -26.16 23.94
N PRO A 411 -3.64 -26.63 25.10
CA PRO A 411 -4.11 -26.01 26.35
C PRO A 411 -3.63 -24.59 26.52
N ALA A 412 -2.66 -24.15 25.72
CA ALA A 412 -2.33 -22.75 25.63
C ALA A 412 -3.39 -21.98 24.85
N TRP A 413 -4.33 -22.69 24.20
CA TRP A 413 -5.26 -22.11 23.23
C TRP A 413 -6.71 -22.46 23.50
N GLN A 414 -7.08 -22.74 24.75
CA GLN A 414 -8.46 -23.13 25.06
C GLN A 414 -9.12 -22.14 26.02
N ARG A 415 -8.54 -20.94 26.19
CA ARG A 415 -9.04 -19.89 27.07
C ARG A 415 -10.11 -19.02 26.41
N CYS A 416 -10.04 -18.83 25.09
CA CYS A 416 -11.00 -17.97 24.38
C CYS A 416 -12.44 -18.42 24.61
N ASP A 417 -13.36 -17.47 24.67
CA ASP A 417 -14.77 -17.81 24.73
C ASP A 417 -15.22 -18.00 23.29
N PHE A 418 -15.05 -19.23 22.81
CA PHE A 418 -15.32 -19.54 21.42
C PHE A 418 -16.81 -19.53 21.11
N LYS A 419 -17.12 -19.17 19.88
CA LYS A 419 -18.48 -19.35 19.46
C LYS A 419 -18.66 -20.80 19.08
N TYR A 420 -19.94 -21.21 19.06
CA TYR A 420 -20.27 -22.64 18.85
C TYR A 420 -19.42 -23.36 19.87
N PRO A 421 -19.55 -23.10 21.20
CA PRO A 421 -18.57 -23.67 22.11
C PRO A 421 -18.76 -25.15 22.40
N GLY A 422 -19.07 -25.94 21.37
CA GLY A 422 -19.31 -27.35 21.57
C GLY A 422 -18.04 -28.20 21.57
N TRP A 423 -16.86 -27.59 21.47
CA TRP A 423 -15.64 -28.37 21.31
C TRP A 423 -15.09 -28.88 22.64
N ILE A 424 -15.84 -28.73 23.73
CA ILE A 424 -15.45 -29.22 25.04
C ILE A 424 -16.50 -30.21 25.54
N LYS A 425 -16.06 -31.22 26.29
CA LYS A 425 -16.94 -32.23 26.91
C LYS A 425 -18.08 -31.66 27.76
N VAL B 4 16.42 -21.68 29.57
CA VAL B 4 17.36 -22.79 29.63
C VAL B 4 18.55 -22.45 28.72
N VAL B 5 18.46 -21.33 28.01
CA VAL B 5 19.44 -21.02 26.97
C VAL B 5 20.66 -20.32 27.58
N TRP B 6 20.47 -19.16 28.19
CA TRP B 6 21.56 -18.45 28.84
C TRP B 6 21.09 -17.89 30.19
N VAL B 7 22.04 -17.73 31.11
CA VAL B 7 21.83 -17.10 32.42
C VAL B 7 23.01 -16.19 32.74
N ILE B 8 22.72 -14.97 33.21
CA ILE B 8 23.78 -14.01 33.53
C ILE B 8 24.02 -13.94 35.03
N GLY B 9 23.67 -14.99 35.77
CA GLY B 9 23.85 -14.98 37.21
C GLY B 9 22.84 -14.08 37.88
N ASP B 10 22.85 -12.79 37.50
CA ASP B 10 21.89 -11.85 38.06
C ASP B 10 20.47 -12.14 37.57
N GLU B 11 20.32 -12.43 36.28
CA GLU B 11 19.00 -12.64 35.67
C GLU B 11 19.20 -13.57 34.48
N ALA B 12 18.11 -14.10 33.94
CA ALA B 12 18.17 -15.09 32.88
C ALA B 12 17.57 -14.56 31.59
N ILE B 13 17.85 -15.27 30.50
CA ILE B 13 17.34 -14.97 29.16
C ILE B 13 16.45 -16.11 28.72
N LEU B 14 15.25 -15.78 28.25
CA LEU B 14 14.30 -16.78 27.84
C LEU B 14 14.46 -17.01 26.35
N LYS B 15 14.33 -18.28 25.95
CA LYS B 15 14.34 -18.60 24.53
C LYS B 15 13.17 -17.91 23.81
N SER B 16 12.09 -17.62 24.54
CA SER B 16 10.96 -16.89 23.95
C SER B 16 11.40 -15.52 23.45
N ASP B 17 12.18 -14.79 24.23
CA ASP B 17 12.70 -13.50 23.77
C ASP B 17 13.66 -13.66 22.60
N VAL B 18 14.46 -14.74 22.58
CA VAL B 18 15.38 -14.99 21.46
C VAL B 18 14.59 -15.13 20.17
N GLU B 19 13.55 -15.97 20.17
CA GLU B 19 12.75 -16.13 18.96
C GLU B 19 11.93 -14.87 18.66
N GLU B 20 11.54 -14.12 19.69
CA GLU B 20 10.86 -12.84 19.48
C GLU B 20 11.74 -11.87 18.69
N ALA B 21 13.00 -11.73 19.12
CA ALA B 21 13.95 -10.89 18.40
C ALA B 21 14.21 -11.44 17.00
N ARG B 22 14.28 -12.77 16.86
CA ARG B 22 14.48 -13.35 15.53
C ARG B 22 13.32 -13.05 14.58
N LEU B 23 12.08 -13.20 15.06
CA LEU B 23 10.92 -12.91 14.22
C LEU B 23 10.85 -11.42 13.85
N ALA B 24 11.12 -10.54 14.82
CA ALA B 24 11.16 -9.12 14.50
C ALA B 24 12.26 -8.82 13.49
N ALA B 25 13.41 -9.48 13.64
CA ALA B 25 14.56 -9.20 12.78
C ALA B 25 14.40 -9.78 11.38
N LEU B 26 13.77 -10.95 11.24
CA LEU B 26 13.67 -11.59 9.93
C LEU B 26 12.83 -10.78 8.95
N TYR B 27 11.81 -10.06 9.44
CA TYR B 27 11.09 -9.15 8.54
C TYR B 27 11.98 -8.01 8.07
N GLU B 28 12.78 -7.41 8.95
CA GLU B 28 13.66 -6.28 8.61
C GLU B 28 15.04 -6.75 8.15
N GLY B 29 15.06 -7.66 7.18
CA GLY B 29 16.28 -8.00 6.44
C GLY B 29 17.43 -8.56 7.24
N ARG B 30 17.16 -9.44 8.20
CA ARG B 30 18.21 -10.14 8.93
C ARG B 30 17.99 -11.63 8.78
N LYS B 31 18.88 -12.30 8.03
CA LYS B 31 18.87 -13.74 7.84
C LYS B 31 19.97 -14.40 8.65
N PHE B 32 19.59 -15.33 9.52
CA PHE B 32 20.51 -15.93 10.48
C PHE B 32 21.25 -17.07 9.79
N ASP B 33 22.59 -16.98 9.72
CA ASP B 33 23.40 -17.99 9.06
C ASP B 33 23.67 -19.17 10.00
N GLY B 34 23.90 -20.34 9.39
CA GLY B 34 24.12 -21.56 10.15
C GLY B 34 22.94 -21.88 11.04
N ASP B 35 23.24 -22.38 12.23
CA ASP B 35 22.19 -22.61 13.21
C ASP B 35 21.86 -21.30 13.89
N PRO B 36 20.67 -20.74 13.69
CA PRO B 36 20.31 -19.49 14.39
C PRO B 36 20.28 -19.67 15.90
N TYR B 37 19.84 -20.84 16.36
CA TYR B 37 19.75 -21.21 17.78
C TYR B 37 21.13 -21.41 18.42
N CYS B 38 22.20 -21.27 17.64
CA CYS B 38 23.58 -21.44 18.09
C CYS B 38 24.37 -20.14 18.13
N VAL B 39 23.90 -19.10 17.44
CA VAL B 39 24.58 -17.82 17.36
C VAL B 39 23.75 -16.68 17.94
N ILE B 40 22.41 -16.67 17.70
CA ILE B 40 21.57 -15.63 18.29
C ILE B 40 21.55 -15.65 19.81
N PRO B 41 21.44 -16.80 20.50
CA PRO B 41 21.62 -16.78 21.96
C PRO B 41 22.97 -16.25 22.41
N GLU B 42 24.06 -16.56 21.68
CA GLU B 42 25.36 -15.96 22.00
C GLU B 42 25.31 -14.44 21.91
N GLU B 43 24.73 -13.92 20.82
CA GLU B 43 24.62 -12.48 20.61
C GLU B 43 23.79 -11.81 21.70
N LEU B 44 22.61 -12.37 22.01
CA LEU B 44 21.76 -11.79 23.06
C LEU B 44 22.44 -11.88 24.43
N ALA B 45 23.14 -12.98 24.69
CA ALA B 45 23.86 -13.14 25.96
C ALA B 45 24.94 -12.08 26.11
N VAL B 46 25.71 -11.82 25.05
CA VAL B 46 26.74 -10.79 25.12
C VAL B 46 26.11 -9.40 25.29
N GLN B 47 24.99 -9.17 24.60
CA GLN B 47 24.30 -7.88 24.71
C GLN B 47 23.79 -7.63 26.14
N LYS B 48 23.28 -8.67 26.80
CA LYS B 48 22.95 -8.55 28.22
C LYS B 48 24.19 -8.43 29.09
N LEU B 49 25.31 -9.05 28.67
CA LEU B 49 26.57 -8.94 29.42
C LEU B 49 27.04 -7.50 29.50
N TYR B 50 26.87 -6.74 28.41
CA TYR B 50 27.24 -5.33 28.48
C TYR B 50 26.44 -4.59 29.57
N MET B 51 25.12 -4.81 29.61
CA MET B 51 24.28 -4.18 30.63
C MET B 51 24.67 -4.63 32.03
N HIS B 52 24.93 -5.93 32.20
CA HIS B 52 25.39 -6.47 33.49
C HIS B 52 26.68 -5.78 33.94
N GLN B 53 27.68 -5.70 33.06
CA GLN B 53 28.97 -5.07 33.37
C GLN B 53 28.82 -3.58 33.70
N ALA B 54 27.77 -2.94 33.18
CA ALA B 54 27.48 -1.52 33.47
C ALA B 54 27.40 -1.24 34.96
N VAL B 55 27.32 -2.28 35.80
CA VAL B 55 27.29 -2.11 37.25
C VAL B 55 28.51 -1.30 37.72
N LEU B 56 29.62 -1.38 36.98
CA LEU B 56 30.82 -0.66 37.39
C LEU B 56 30.51 0.83 37.55
N ASP B 57 29.83 1.43 36.56
CA ASP B 57 29.40 2.81 36.68
C ASP B 57 27.88 2.92 36.88
N SER B 58 27.10 2.37 35.96
CA SER B 58 25.63 2.38 36.03
C SER B 58 25.14 3.71 36.61
N ILE B 59 25.52 4.79 35.94
CA ILE B 59 25.21 6.13 36.43
C ILE B 59 23.69 6.34 36.44
N GLU B 60 23.06 6.37 35.27
CA GLU B 60 21.61 6.47 35.17
C GLU B 60 21.26 6.47 33.69
N VAL B 61 20.02 6.08 33.39
CA VAL B 61 19.51 6.06 32.02
C VAL B 61 18.91 7.44 31.72
N PRO B 62 19.47 8.20 30.75
CA PRO B 62 18.91 9.53 30.47
C PRO B 62 17.55 9.41 29.81
N GLU B 63 16.49 9.25 30.63
CA GLU B 63 15.16 9.01 30.09
C GLU B 63 14.66 10.12 29.18
N ALA B 64 15.39 11.22 29.03
CA ALA B 64 14.91 12.26 28.11
C ALA B 64 15.13 11.82 26.68
N GLU B 65 16.32 11.29 26.39
CA GLU B 65 16.55 10.66 25.10
C GLU B 65 15.64 9.46 24.91
N VAL B 66 15.39 8.71 25.98
CA VAL B 66 14.51 7.54 25.93
C VAL B 66 13.12 7.91 25.42
N ILE B 67 12.45 8.83 26.12
CA ILE B 67 11.09 9.22 25.72
C ILE B 67 11.11 9.93 24.37
N GLN B 68 12.09 10.82 24.13
CA GLN B 68 12.25 11.37 22.79
C GLN B 68 12.39 10.29 21.72
N ARG B 69 13.03 9.15 22.04
CA ARG B 69 13.13 8.11 21.04
C ARG B 69 11.79 7.48 20.77
N VAL B 70 10.94 7.34 21.79
CA VAL B 70 9.57 6.83 21.49
C VAL B 70 8.91 7.86 20.57
N ASP B 71 9.12 9.14 20.86
CA ASP B 71 8.55 10.22 20.07
C ASP B 71 8.90 10.06 18.60
N TYR B 72 10.21 9.97 18.31
CA TYR B 72 10.64 9.84 16.92
C TYR B 72 10.28 8.48 16.34
N GLN B 73 10.23 7.42 17.16
CA GLN B 73 9.79 6.12 16.68
C GLN B 73 8.33 6.15 16.26
N ILE B 74 7.46 6.78 17.06
CA ILE B 74 6.06 6.96 16.67
C ILE B 74 5.98 7.82 15.40
N ASN B 75 6.85 8.84 15.32
CA ASN B 75 6.93 9.63 14.09
C ASN B 75 7.39 8.75 12.92
N ASN B 76 8.34 7.85 13.16
CA ASN B 76 8.83 6.94 12.12
C ASN B 76 7.69 6.10 11.60
N TYR B 77 6.83 5.62 12.50
CA TYR B 77 5.67 4.85 12.05
C TYR B 77 4.75 5.73 11.21
N ILE B 78 4.50 6.98 11.62
CA ILE B 78 3.62 7.86 10.81
C ILE B 78 4.24 8.08 9.42
N GLN B 79 5.58 8.08 9.33
CA GLN B 79 6.22 8.20 8.01
C GLN B 79 6.04 6.92 7.20
N ALA B 80 5.89 5.80 7.89
CA ALA B 80 5.63 4.46 7.37
C ALA B 80 4.12 4.22 7.40
N MET B 81 3.72 2.94 7.31
CA MET B 81 2.30 2.61 7.37
C MET B 81 1.62 3.02 8.67
N GLY B 82 2.38 3.32 9.73
CA GLY B 82 1.79 3.82 10.97
C GLY B 82 1.23 5.22 10.85
N THR B 83 0.43 5.64 11.84
CA THR B 83 -0.15 6.98 11.84
C THR B 83 -0.11 7.72 13.18
N ARG B 84 0.06 7.01 14.31
CA ARG B 84 -0.01 7.49 15.69
C ARG B 84 -1.46 7.80 16.11
N GLU B 85 -2.32 8.07 15.13
CA GLU B 85 -3.76 8.22 15.36
C GLU B 85 -4.38 6.91 14.90
N LYS B 86 -5.10 6.23 15.82
CA LYS B 86 -5.67 4.91 15.57
C LYS B 86 -4.55 3.87 15.39
N LEU B 87 -3.30 4.26 15.68
CA LEU B 87 -2.15 3.35 15.67
C LEU B 87 -2.35 2.21 16.66
N GLU B 88 -3.16 2.44 17.69
CA GLU B 88 -3.42 1.43 18.71
C GLU B 88 -3.88 0.12 18.06
N GLU B 89 -5.02 0.17 17.39
CA GLU B 89 -5.48 -0.95 16.58
C GLU B 89 -4.46 -1.35 15.52
N TYR B 90 -3.75 -0.36 14.96
CA TYR B 90 -2.74 -0.64 13.95
C TYR B 90 -1.57 -1.41 14.58
N PHE B 91 -1.16 -1.03 15.80
CA PHE B 91 -0.14 -1.76 16.52
C PHE B 91 -0.61 -3.17 16.91
N ASN B 92 -1.92 -3.43 16.81
CA ASN B 92 -2.57 -4.71 17.12
C ASN B 92 -2.68 -4.94 18.62
N LYS B 93 -2.50 -3.88 19.41
CA LYS B 93 -2.55 -3.90 20.86
C LYS B 93 -2.47 -2.44 21.31
N THR B 94 -2.72 -2.18 22.59
CA THR B 94 -2.71 -0.82 23.12
C THR B 94 -1.39 -0.13 22.80
N SER B 95 -1.48 1.07 22.22
CA SER B 95 -0.29 1.82 21.81
C SER B 95 0.57 2.22 23.01
N THR B 96 -0.03 2.46 24.17
CA THR B 96 0.74 2.78 25.36
C THR B 96 1.80 1.70 25.64
N GLN B 97 1.46 0.44 25.37
CA GLN B 97 2.44 -0.64 25.52
C GLN B 97 3.66 -0.44 24.63
N ILE B 98 3.47 -0.12 23.34
CA ILE B 98 4.63 0.09 22.47
C ILE B 98 5.41 1.32 22.93
N ARG B 99 4.71 2.35 23.43
CA ARG B 99 5.40 3.51 23.97
C ARG B 99 6.37 3.09 25.07
N GLU B 100 5.87 2.32 26.05
CA GLU B 100 6.72 1.87 27.15
C GLU B 100 7.84 0.95 26.66
N ALA B 101 7.51 0.03 25.75
CA ALA B 101 8.51 -0.91 25.24
C ALA B 101 9.62 -0.19 24.49
N MET B 102 9.27 0.78 23.65
CA MET B 102 10.29 1.56 22.94
C MET B 102 11.15 2.34 23.94
N ARG B 103 10.52 2.90 24.99
CA ARG B 103 11.30 3.54 26.06
C ARG B 103 12.30 2.54 26.65
N GLU B 104 11.84 1.33 26.94
CA GLU B 104 12.70 0.30 27.52
C GLU B 104 13.84 -0.05 26.57
N ASN B 105 13.54 -0.17 25.27
CA ASN B 105 14.58 -0.49 24.30
C ASN B 105 15.62 0.62 24.24
N ALA B 106 15.17 1.89 24.33
CA ALA B 106 16.11 3.00 24.37
C ALA B 106 17.00 2.94 25.61
N ARG B 107 16.41 2.63 26.77
CA ARG B 107 17.18 2.49 28.01
C ARG B 107 18.27 1.42 27.90
N ASP B 108 17.88 0.21 27.45
CA ASP B 108 18.86 -0.89 27.34
C ASP B 108 19.94 -0.55 26.31
N GLY B 109 19.52 0.02 25.17
CA GLY B 109 20.46 0.38 24.12
C GLY B 109 21.48 1.43 24.54
N LEU B 110 21.04 2.46 25.27
CA LEU B 110 22.00 3.46 25.73
C LEU B 110 22.96 2.90 26.79
N ILE B 111 22.49 1.97 27.62
CA ILE B 111 23.41 1.30 28.55
C ILE B 111 24.50 0.55 27.76
N VAL B 112 24.08 -0.23 26.75
CA VAL B 112 25.04 -0.98 25.93
C VAL B 112 25.99 -0.04 25.19
N GLN B 113 25.47 1.06 24.61
CA GLN B 113 26.30 2.03 23.90
C GLN B 113 27.34 2.66 24.84
N ARG B 114 26.93 3.02 26.06
CA ARG B 114 27.89 3.58 27.01
C ARG B 114 29.01 2.60 27.31
N MET B 115 28.69 1.32 27.55
CA MET B 115 29.74 0.33 27.79
C MET B 115 30.65 0.15 26.58
N GLN B 116 30.08 0.17 25.36
CA GLN B 116 30.86 0.05 24.14
C GLN B 116 31.86 1.20 24.01
N GLN B 117 31.44 2.44 24.33
CA GLN B 117 32.33 3.58 24.20
C GLN B 117 33.49 3.50 25.17
N LYS B 118 33.29 2.86 26.31
CA LYS B 118 34.38 2.64 27.25
C LYS B 118 35.17 1.45 26.73
N LEU B 119 36.32 1.72 26.13
CA LEU B 119 37.10 0.68 25.49
C LEU B 119 38.60 0.91 25.69
N THR B 126 40.91 3.61 19.68
CA THR B 126 41.64 4.84 19.39
C THR B 126 41.66 5.11 17.88
N PRO B 127 41.34 6.35 17.48
CA PRO B 127 41.39 6.69 16.04
C PRO B 127 42.78 6.43 15.48
N ALA B 128 42.83 5.60 14.44
CA ALA B 128 44.09 5.12 13.90
C ALA B 128 44.79 6.25 13.14
N GLU B 129 45.88 5.89 12.45
CA GLU B 129 46.77 6.87 11.85
C GLU B 129 45.92 7.86 11.09
N VAL B 130 45.81 9.07 11.63
CA VAL B 130 44.87 10.00 11.05
C VAL B 130 45.08 10.13 9.55
N ARG B 131 46.32 10.51 9.16
CA ARG B 131 46.51 10.87 7.73
C ARG B 131 47.84 10.45 7.12
N ARG B 132 47.91 9.25 6.56
CA ARG B 132 49.06 8.75 5.80
C ARG B 132 48.59 7.55 5.01
N TYR B 133 49.53 6.70 4.57
CA TYR B 133 49.17 5.44 3.89
C TYR B 133 48.20 4.58 4.73
N PHE B 134 48.30 4.64 6.07
CA PHE B 134 47.31 4.01 6.92
C PHE B 134 45.96 4.67 6.74
N LYS B 135 45.93 6.00 6.67
CA LYS B 135 44.69 6.64 6.32
C LYS B 135 44.22 6.11 4.99
N GLU B 136 45.16 5.88 4.05
CA GLU B 136 44.82 5.20 2.81
C GLU B 136 44.51 3.75 3.15
N LEU B 137 43.26 3.52 3.56
CA LEU B 137 42.83 2.17 3.84
C LEU B 137 43.06 1.35 2.57
N PRO B 138 43.49 0.09 2.70
CA PRO B 138 43.84 -0.72 1.52
C PRO B 138 42.73 -0.69 0.48
N GLN B 139 43.11 -0.40 -0.76
CA GLN B 139 42.12 -0.04 -1.77
C GLN B 139 41.14 -1.18 -2.03
N ASP B 140 39.89 -0.80 -2.31
CA ASP B 140 38.81 -1.76 -2.47
C ASP B 140 37.70 -1.12 -3.30
N SER B 141 36.91 -1.98 -3.95
CA SER B 141 35.76 -1.53 -4.73
C SER B 141 34.59 -1.24 -3.79
N ILE B 142 34.75 -0.18 -3.01
CA ILE B 142 33.68 0.23 -2.09
C ILE B 142 33.43 1.73 -2.31
N PRO B 143 32.80 2.12 -3.42
CA PRO B 143 32.52 3.53 -3.68
C PRO B 143 31.30 4.03 -2.90
N TYR B 144 31.10 5.37 -2.94
CA TYR B 144 30.01 6.05 -2.26
C TYR B 144 29.16 6.91 -3.18
N VAL B 145 29.77 7.74 -4.01
CA VAL B 145 29.17 8.64 -5.01
C VAL B 145 28.05 9.51 -4.44
N PRO B 146 28.33 10.39 -3.47
CA PRO B 146 27.29 11.30 -2.96
C PRO B 146 27.06 12.53 -3.83
N THR B 147 25.98 12.58 -4.61
CA THR B 147 25.69 13.77 -5.42
C THR B 147 24.94 14.82 -4.62
N GLN B 148 25.64 15.89 -4.26
CA GLN B 148 25.10 16.92 -3.40
C GLN B 148 24.60 18.11 -4.20
N VAL B 149 23.51 18.70 -3.73
CA VAL B 149 22.84 19.81 -4.40
C VAL B 149 22.33 20.80 -3.39
N GLU B 150 22.55 22.08 -3.66
CA GLU B 150 21.97 23.19 -2.92
C GLU B 150 21.06 24.00 -3.82
N VAL B 151 19.85 24.33 -3.36
CA VAL B 151 18.87 25.01 -4.21
C VAL B 151 18.24 26.17 -3.46
N GLN B 152 18.10 27.31 -4.11
CA GLN B 152 17.30 28.40 -3.59
C GLN B 152 15.97 28.42 -4.34
N ILE B 153 14.94 29.02 -3.73
CA ILE B 153 13.59 28.94 -4.30
C ILE B 153 12.77 30.15 -3.89
N ILE B 154 11.90 30.58 -4.80
CA ILE B 154 10.81 31.50 -4.48
C ILE B 154 9.51 30.95 -5.08
N THR B 155 8.47 30.83 -4.24
CA THR B 155 7.17 30.21 -4.55
C THR B 155 6.06 31.26 -4.58
N GLN B 156 4.96 30.96 -5.30
CA GLN B 156 3.77 31.80 -5.45
C GLN B 156 2.54 30.90 -5.47
N GLN B 157 1.51 31.32 -4.72
CA GLN B 157 0.26 30.53 -4.72
C GLN B 157 -0.53 30.89 -5.97
N PRO B 158 -0.90 29.91 -6.83
CA PRO B 158 -1.77 30.21 -7.96
C PRO B 158 -3.12 30.56 -7.36
N LYS B 159 -3.58 31.77 -7.66
CA LYS B 159 -4.79 32.29 -7.02
C LYS B 159 -6.00 31.42 -7.38
N ILE B 160 -6.65 30.88 -6.35
CA ILE B 160 -7.80 29.97 -6.51
C ILE B 160 -8.97 30.75 -7.09
N PRO B 161 -9.50 30.33 -8.22
CA PRO B 161 -10.61 31.08 -8.81
C PRO B 161 -11.87 30.95 -7.96
N VAL B 162 -12.58 32.08 -7.81
CA VAL B 162 -13.84 32.09 -7.08
C VAL B 162 -14.84 31.21 -7.80
N ALA B 163 -14.88 31.27 -9.14
CA ALA B 163 -15.85 30.45 -9.84
C ALA B 163 -15.59 28.97 -9.56
N GLU B 164 -14.34 28.58 -9.28
CA GLU B 164 -14.11 27.17 -8.92
C GLU B 164 -14.75 26.84 -7.57
N ILE B 165 -14.53 27.65 -6.54
CA ILE B 165 -15.12 27.29 -5.26
C ILE B 165 -16.65 27.35 -5.32
N GLU B 166 -17.20 28.36 -6.01
CA GLU B 166 -18.63 28.45 -6.18
C GLU B 166 -19.17 27.27 -6.99
N ASP B 167 -18.38 26.75 -7.94
CA ASP B 167 -18.80 25.55 -8.67
C ASP B 167 -18.81 24.33 -7.76
N VAL B 168 -17.86 24.26 -6.83
CA VAL B 168 -17.94 23.17 -5.86
C VAL B 168 -19.19 23.31 -5.02
N LYS B 169 -19.48 24.52 -4.54
CA LYS B 169 -20.67 24.72 -3.72
C LYS B 169 -21.92 24.35 -4.51
N ARG B 170 -21.96 24.72 -5.79
CA ARG B 170 -23.10 24.41 -6.64
C ARG B 170 -23.29 22.91 -6.77
N ARG B 171 -22.20 22.18 -6.99
CA ARG B 171 -22.34 20.74 -7.07
C ARG B 171 -22.85 20.19 -5.76
N LEU B 172 -22.40 20.76 -4.63
CA LEU B 172 -22.86 20.32 -3.31
C LEU B 172 -24.35 20.55 -3.11
N ARG B 173 -24.82 21.73 -3.48
CA ARG B 173 -26.24 22.03 -3.35
C ARG B 173 -27.06 21.10 -4.24
N GLU B 174 -26.59 20.86 -5.48
CA GLU B 174 -27.28 19.97 -6.41
C GLU B 174 -27.34 18.54 -5.90
N TYR B 175 -26.25 18.06 -5.30
CA TYR B 175 -26.21 16.74 -4.68
C TYR B 175 -27.19 16.68 -3.51
N THR B 176 -27.24 17.76 -2.72
CA THR B 176 -28.21 17.84 -1.63
C THR B 176 -29.63 17.68 -2.14
N ASP B 177 -29.97 18.43 -3.20
CA ASP B 177 -31.30 18.37 -3.80
C ASP B 177 -31.56 16.97 -4.38
N ARG B 178 -30.58 16.35 -5.01
CA ARG B 178 -30.78 15.00 -5.53
C ARG B 178 -31.06 14.00 -4.42
N ILE B 179 -30.37 14.14 -3.28
CA ILE B 179 -30.52 13.19 -2.19
C ILE B 179 -31.88 13.33 -1.50
N ASN B 180 -32.27 14.58 -1.12
CA ASN B 180 -33.52 14.78 -0.38
C ASN B 180 -34.75 14.62 -1.30
N LYS B 181 -34.65 15.08 -2.56
CA LYS B 181 -35.74 14.87 -3.52
C LYS B 181 -35.82 13.41 -3.99
N GLY B 182 -34.97 12.53 -3.48
CA GLY B 182 -35.02 11.15 -3.92
C GLY B 182 -34.67 10.97 -5.40
N GLU B 183 -33.73 11.78 -5.92
CA GLU B 183 -33.29 11.67 -7.30
C GLU B 183 -32.12 10.69 -7.48
N SER B 184 -31.30 10.52 -6.43
CA SER B 184 -30.20 9.56 -6.40
C SER B 184 -29.76 9.36 -4.93
N ASP B 185 -29.28 8.14 -4.63
CA ASP B 185 -28.88 7.79 -3.27
C ASP B 185 -27.64 8.56 -2.86
N PHE B 186 -27.62 8.98 -1.60
CA PHE B 186 -26.48 9.68 -1.04
C PHE B 186 -25.27 8.76 -0.94
N SER B 187 -25.47 7.48 -0.61
CA SER B 187 -24.34 6.54 -0.59
C SER B 187 -23.71 6.43 -1.97
N THR B 188 -24.55 6.33 -3.01
CA THR B 188 -24.04 6.24 -4.37
C THR B 188 -23.26 7.50 -4.76
N LEU B 189 -23.83 8.69 -4.47
CA LEU B 189 -23.19 9.97 -4.79
C LEU B 189 -21.86 10.15 -4.06
N ALA B 190 -21.79 9.66 -2.83
CA ALA B 190 -20.52 9.68 -2.11
C ALA B 190 -19.50 8.79 -2.81
N LEU B 191 -19.90 7.57 -3.20
CA LEU B 191 -18.95 6.69 -3.86
C LEU B 191 -18.39 7.33 -5.13
N LEU B 192 -19.27 7.90 -5.94
CA LEU B 192 -18.86 8.41 -7.25
C LEU B 192 -18.04 9.69 -7.12
N TYR B 193 -18.50 10.64 -6.30
CA TYR B 193 -18.03 12.01 -6.37
C TYR B 193 -17.20 12.47 -5.18
N SER B 194 -17.30 11.82 -4.02
CA SER B 194 -16.58 12.28 -2.84
C SER B 194 -15.09 12.13 -3.04
N GLU B 195 -14.33 13.17 -2.74
CA GLU B 195 -12.89 13.12 -2.93
C GLU B 195 -12.15 12.55 -1.71
N ASP B 196 -12.85 12.28 -0.61
CA ASP B 196 -12.30 11.57 0.54
C ASP B 196 -12.39 10.07 0.25
N ARG B 197 -11.30 9.51 -0.30
CA ARG B 197 -11.31 8.13 -0.81
C ARG B 197 -11.76 7.12 0.25
N GLY B 198 -11.29 7.29 1.49
CA GLY B 198 -11.62 6.33 2.52
C GLY B 198 -13.11 6.26 2.78
N SER B 199 -13.75 7.42 3.00
CA SER B 199 -15.19 7.44 3.20
C SER B 199 -15.94 7.05 1.93
N ALA B 200 -15.47 7.56 0.78
CA ALA B 200 -16.17 7.38 -0.48
C ALA B 200 -16.32 5.91 -0.84
N ILE B 201 -15.24 5.13 -0.68
CA ILE B 201 -15.35 3.73 -1.07
C ILE B 201 -16.43 3.03 -0.26
N LYS B 202 -16.62 3.44 1.00
CA LYS B 202 -17.61 2.82 1.87
C LYS B 202 -18.88 3.66 1.99
N GLY B 203 -19.25 4.36 0.92
CA GLY B 203 -20.51 5.11 0.93
C GLY B 203 -20.50 6.46 1.61
N GLY B 204 -19.31 7.05 1.83
CA GLY B 204 -19.16 8.35 2.46
C GLY B 204 -19.04 8.36 3.98
N GLU B 205 -19.25 7.23 4.66
CA GLU B 205 -19.20 7.17 6.13
C GLU B 205 -17.77 7.32 6.64
N THR B 206 -17.62 7.96 7.81
CA THR B 206 -16.30 8.15 8.39
C THR B 206 -16.05 7.30 9.64
N GLY B 207 -17.06 6.58 10.14
CA GLY B 207 -16.93 5.88 11.38
C GLY B 207 -17.18 6.80 12.57
N PHE B 208 -17.15 6.20 13.75
CA PHE B 208 -17.46 6.93 14.98
C PHE B 208 -16.26 7.75 15.47
N MET B 209 -15.92 8.74 14.65
CA MET B 209 -14.81 9.63 14.98
C MET B 209 -15.14 10.49 16.20
N GLY B 210 -14.17 10.61 17.11
CA GLY B 210 -14.34 11.45 18.28
C GLY B 210 -14.42 12.92 17.90
N LYS B 211 -14.62 13.77 18.92
CA LYS B 211 -14.73 15.21 18.74
C LYS B 211 -13.39 15.94 18.78
N GLY B 212 -12.26 15.26 18.98
CA GLY B 212 -10.99 15.96 19.10
C GLY B 212 -10.08 15.83 17.88
N GLN B 213 -10.18 14.70 17.17
CA GLN B 213 -9.47 14.60 15.89
C GLN B 213 -10.24 15.29 14.77
N MET B 214 -11.56 15.45 14.92
CA MET B 214 -12.36 16.18 13.92
C MET B 214 -11.89 17.62 13.78
N VAL B 215 -11.77 18.07 12.53
CA VAL B 215 -11.39 19.47 12.27
C VAL B 215 -12.42 20.38 12.91
N PRO B 216 -12.01 21.53 13.45
CA PRO B 216 -12.93 22.30 14.31
C PRO B 216 -14.28 22.62 13.67
N GLU B 217 -14.31 23.01 12.39
CA GLU B 217 -15.57 23.42 11.76
C GLU B 217 -16.58 22.25 11.72
N TYR B 218 -16.09 21.11 11.21
CA TYR B 218 -16.92 19.88 11.13
C TYR B 218 -17.38 19.52 12.53
N ALA B 219 -16.42 19.22 13.42
CA ALA B 219 -16.83 18.82 14.75
C ALA B 219 -17.90 19.77 15.30
N ASN B 220 -17.81 21.07 14.95
CA ASN B 220 -18.80 22.06 15.42
C ASN B 220 -20.16 21.85 14.77
N VAL B 221 -20.19 21.69 13.46
CA VAL B 221 -21.45 21.69 12.73
C VAL B 221 -22.13 20.34 12.69
N ALA B 222 -21.39 19.25 12.91
CA ALA B 222 -21.93 17.91 12.72
C ALA B 222 -23.04 17.59 13.69
N PHE B 223 -22.79 17.79 14.99
CA PHE B 223 -23.76 17.31 16.01
C PHE B 223 -24.99 18.20 16.14
N ASN B 224 -24.89 19.48 15.79
CA ASN B 224 -25.99 20.41 16.02
C ASN B 224 -27.28 19.82 15.44
N LEU B 225 -27.15 19.09 14.33
CA LEU B 225 -28.29 18.44 13.66
C LEU B 225 -28.61 17.13 14.35
N GLN B 226 -29.90 16.82 14.42
CA GLN B 226 -30.43 15.62 15.03
C GLN B 226 -31.11 14.71 14.04
N ASP B 227 -31.90 15.25 13.11
CA ASP B 227 -32.64 14.42 12.17
C ASP B 227 -31.68 13.52 11.39
N THR B 228 -32.10 12.26 11.20
CA THR B 228 -31.27 11.27 10.51
C THR B 228 -31.16 11.52 9.00
N LYS B 229 -32.18 12.11 8.37
CA LYS B 229 -32.22 12.31 6.92
C LYS B 229 -32.09 13.78 6.49
N LYS B 230 -31.51 14.65 7.35
CA LYS B 230 -31.29 16.06 7.04
C LYS B 230 -29.87 16.26 6.53
N ILE B 231 -29.76 16.87 5.35
CA ILE B 231 -28.48 17.17 4.71
C ILE B 231 -27.94 18.49 5.22
N SER B 232 -26.73 18.43 5.75
CA SER B 232 -26.16 19.59 6.40
C SER B 232 -25.94 20.71 5.41
N LYS B 233 -25.56 21.85 5.96
CA LYS B 233 -25.18 22.96 5.13
C LYS B 233 -23.73 22.78 4.63
N ILE B 234 -23.42 23.59 3.61
CA ILE B 234 -22.10 23.71 3.01
C ILE B 234 -21.11 24.16 4.08
N VAL B 235 -20.15 23.31 4.37
CA VAL B 235 -19.19 23.53 5.42
C VAL B 235 -17.80 23.51 4.83
N GLU B 236 -16.95 24.42 5.27
CA GLU B 236 -15.61 24.58 4.74
C GLU B 236 -14.61 23.91 5.66
N SER B 237 -13.64 23.23 5.05
CA SER B 237 -12.50 22.62 5.74
C SER B 237 -11.23 22.92 4.95
N GLU B 238 -10.07 22.55 5.54
CA GLU B 238 -8.77 22.76 4.91
C GLU B 238 -8.57 21.89 3.68
N TYR B 239 -9.25 20.74 3.64
CA TYR B 239 -9.24 19.88 2.47
C TYR B 239 -10.00 20.57 1.34
N GLY B 240 -11.30 20.81 1.57
CA GLY B 240 -12.21 21.47 0.65
C GLY B 240 -13.55 21.68 1.34
N PHE B 241 -14.63 21.63 0.58
CA PHE B 241 -15.97 21.82 1.13
C PHE B 241 -16.70 20.49 1.17
N HIS B 242 -17.47 20.25 2.22
CA HIS B 242 -18.17 18.98 2.38
C HIS B 242 -19.57 19.20 2.94
N ILE B 243 -20.49 18.26 2.63
CA ILE B 243 -21.77 18.23 3.31
C ILE B 243 -21.98 16.86 3.96
N ILE B 244 -22.71 16.90 5.11
CA ILE B 244 -22.72 15.86 6.13
C ILE B 244 -24.15 15.36 6.35
N GLN B 245 -24.23 14.05 6.63
CA GLN B 245 -25.45 13.33 6.98
C GLN B 245 -25.15 12.39 8.15
N LEU B 246 -25.81 12.63 9.30
CA LEU B 246 -25.56 11.85 10.52
C LEU B 246 -26.12 10.44 10.41
N ILE B 247 -25.38 9.47 10.96
CA ILE B 247 -25.76 8.07 10.93
C ILE B 247 -26.30 7.67 12.28
N GLU B 248 -25.46 7.76 13.31
CA GLU B 248 -25.80 7.25 14.63
C GLU B 248 -25.03 8.04 15.68
N LYS B 249 -25.57 8.06 16.90
CA LYS B 249 -25.09 8.89 18.00
C LYS B 249 -24.87 8.02 19.24
N ARG B 250 -23.60 7.79 19.61
CA ARG B 250 -23.23 7.09 20.84
C ARG B 250 -22.45 8.08 21.73
N GLY B 251 -23.17 8.87 22.53
CA GLY B 251 -22.50 9.83 23.38
C GLY B 251 -21.70 10.85 22.59
N ASP B 252 -20.41 10.98 22.93
CA ASP B 252 -19.52 11.95 22.27
C ASP B 252 -19.02 11.48 20.89
N ARG B 253 -18.90 10.16 20.66
CA ARG B 253 -18.52 9.63 19.34
C ARG B 253 -19.76 9.51 18.44
N ILE B 254 -19.65 10.01 17.20
CA ILE B 254 -20.75 9.94 16.24
C ILE B 254 -20.22 9.43 14.92
N ASN B 255 -21.06 8.70 14.22
CA ASN B 255 -20.77 8.25 12.87
C ASN B 255 -21.55 9.13 11.89
N THR B 256 -20.85 9.60 10.84
CA THR B 256 -21.43 10.49 9.83
C THR B 256 -20.88 10.17 8.44
N ARG B 257 -21.78 10.21 7.45
CA ARG B 257 -21.40 10.20 6.04
C ARG B 257 -21.17 11.63 5.56
N HIS B 258 -20.26 11.79 4.60
CA HIS B 258 -20.01 13.11 4.06
C HIS B 258 -19.46 12.96 2.65
N ILE B 259 -19.77 13.96 1.81
CA ILE B 259 -19.13 14.09 0.50
C ILE B 259 -18.27 15.35 0.55
N LEU B 260 -17.00 15.20 0.16
CA LEU B 260 -15.99 16.25 0.20
C LEU B 260 -15.52 16.55 -1.21
N LEU B 261 -15.41 17.82 -1.54
CA LEU B 261 -14.87 18.22 -2.83
C LEU B 261 -13.81 19.27 -2.65
N LYS B 262 -12.67 19.08 -3.31
CA LYS B 262 -11.58 20.03 -3.19
C LYS B 262 -11.58 20.95 -4.40
N PRO B 263 -11.67 22.27 -4.21
CA PRO B 263 -11.57 23.19 -5.34
C PRO B 263 -10.20 23.07 -5.99
N LYS B 264 -10.20 22.81 -7.28
CA LYS B 264 -8.99 22.54 -8.02
C LYS B 264 -8.59 23.79 -8.76
N VAL B 265 -7.28 23.97 -8.93
CA VAL B 265 -6.78 25.15 -9.61
C VAL B 265 -6.81 24.92 -11.10
N SER B 266 -7.42 25.84 -11.83
CA SER B 266 -7.50 25.68 -13.27
C SER B 266 -6.10 25.73 -13.90
N ASP B 267 -5.90 24.93 -14.96
CA ASP B 267 -4.59 24.93 -15.64
C ASP B 267 -4.23 26.31 -16.16
N LYS B 268 -5.24 27.09 -16.55
CA LYS B 268 -4.99 28.43 -17.11
C LYS B 268 -4.44 29.37 -16.03
N GLU B 269 -4.94 29.25 -14.80
CA GLU B 269 -4.38 30.02 -13.68
C GLU B 269 -2.96 29.59 -13.33
N LEU B 270 -2.67 28.28 -13.37
CA LEU B 270 -1.31 27.84 -13.13
C LEU B 270 -0.37 28.41 -14.19
N ASP B 271 -0.79 28.41 -15.47
CA ASP B 271 0.02 28.98 -16.55
C ASP B 271 0.26 30.47 -16.37
N GLU B 272 -0.77 31.20 -15.95
CA GLU B 272 -0.60 32.62 -15.67
C GLU B 272 0.38 32.83 -14.52
N ALA B 273 0.26 32.03 -13.44
CA ALA B 273 1.19 32.15 -12.33
C ALA B 273 2.62 31.83 -12.76
N ASN B 274 2.77 30.77 -13.54
CA ASN B 274 4.07 30.38 -14.07
C ASN B 274 4.64 31.46 -14.96
N ALA B 275 3.82 32.08 -15.81
CA ALA B 275 4.33 33.17 -16.64
C ALA B 275 4.75 34.37 -15.78
N ARG B 276 4.01 34.63 -14.69
CA ARG B 276 4.35 35.71 -13.76
C ARG B 276 5.71 35.47 -13.10
N LEU B 277 5.94 34.25 -12.63
CA LEU B 277 7.25 33.92 -12.05
C LEU B 277 8.33 33.93 -13.12
N ASP B 278 8.02 33.46 -14.32
CA ASP B 278 9.02 33.50 -15.37
C ASP B 278 9.41 34.93 -15.67
N SER B 279 8.45 35.85 -15.68
CA SER B 279 8.81 37.26 -15.88
C SER B 279 9.65 37.79 -14.70
N ILE B 280 9.34 37.37 -13.48
CA ILE B 280 10.17 37.76 -12.34
C ILE B 280 11.59 37.23 -12.52
N ALA B 281 11.71 36.00 -13.02
CA ALA B 281 13.02 35.39 -13.23
C ALA B 281 13.83 36.13 -14.30
N ASN B 282 13.19 36.58 -15.38
CA ASN B 282 13.91 37.41 -16.36
C ASN B 282 14.42 38.69 -15.72
N ASP B 283 13.60 39.32 -14.87
CA ASP B 283 14.02 40.54 -14.19
C ASP B 283 15.22 40.30 -13.26
N ILE B 284 15.20 39.20 -12.50
CA ILE B 284 16.34 38.87 -11.64
C ILE B 284 17.55 38.62 -12.50
N ARG B 285 17.33 37.87 -13.57
CA ARG B 285 18.40 37.39 -14.44
C ARG B 285 19.14 38.55 -15.09
N SER B 286 18.42 39.54 -15.63
CA SER B 286 18.95 40.79 -16.19
C SER B 286 19.47 41.75 -15.07
N ASP B 287 19.57 41.25 -13.83
CA ASP B 287 20.18 41.91 -12.67
C ASP B 287 19.48 43.18 -12.26
N LYS B 288 18.19 43.30 -12.60
CA LYS B 288 17.37 44.42 -12.12
C LYS B 288 17.37 44.46 -10.59
N PHE B 289 17.32 43.28 -9.98
CA PHE B 289 17.40 43.08 -8.55
C PHE B 289 17.79 41.63 -8.31
N THR B 290 18.65 41.40 -7.34
CA THR B 290 19.13 40.04 -7.17
C THR B 290 18.06 39.12 -6.62
N PHE B 291 18.21 37.82 -6.93
CA PHE B 291 17.30 36.80 -6.41
C PHE B 291 17.33 36.72 -4.89
N ASP B 292 18.45 37.11 -4.29
CA ASP B 292 18.56 37.16 -2.84
C ASP B 292 17.52 38.13 -2.24
N GLN B 293 17.33 39.27 -2.92
CA GLN B 293 16.33 40.28 -2.56
C GLN B 293 14.90 39.82 -2.87
N ALA B 294 14.68 39.18 -4.03
CA ALA B 294 13.36 38.69 -4.43
C ALA B 294 12.84 37.60 -3.51
N ALA B 295 13.72 36.77 -2.96
CA ALA B 295 13.27 35.81 -1.96
C ALA B 295 12.72 36.51 -0.72
N SER B 296 13.41 37.54 -0.23
CA SER B 296 12.96 38.24 0.98
C SER B 296 11.93 39.31 0.69
N ALA B 297 11.60 39.55 -0.57
CA ALA B 297 10.61 40.56 -0.89
C ALA B 297 9.36 40.04 -1.58
N LEU B 298 9.41 38.86 -2.21
CA LEU B 298 8.30 38.36 -2.99
C LEU B 298 7.93 36.89 -2.76
N SER B 299 8.83 36.05 -2.26
CA SER B 299 8.52 34.64 -2.09
C SER B 299 7.49 34.46 -1.00
N GLN B 300 6.61 33.47 -1.18
CA GLN B 300 5.60 33.14 -0.20
C GLN B 300 5.94 31.86 0.53
N ASP B 301 7.16 31.34 0.33
CA ASP B 301 7.72 30.30 1.18
C ASP B 301 8.24 31.02 2.43
N LYS B 302 7.28 31.41 3.28
CA LYS B 302 7.53 32.21 4.48
C LYS B 302 8.56 31.60 5.43
N ASP B 303 8.96 30.33 5.23
CA ASP B 303 9.97 29.71 6.10
C ASP B 303 11.40 29.83 5.56
N THR B 304 11.58 30.06 4.26
CA THR B 304 12.84 30.45 3.66
C THR B 304 12.77 31.87 3.11
N ARG B 305 11.61 32.54 3.25
CA ARG B 305 11.40 33.87 2.67
C ARG B 305 12.42 34.88 3.17
N ASN B 306 12.52 35.01 4.50
CA ASN B 306 13.36 36.03 5.11
C ASN B 306 14.83 35.67 4.92
N ASN B 307 15.11 34.38 4.76
CA ASN B 307 16.45 33.98 4.40
C ASN B 307 16.61 34.25 2.89
N HIS B 308 17.77 33.95 2.31
CA HIS B 308 17.92 34.16 0.87
C HIS B 308 17.31 32.99 0.09
N GLY B 309 16.09 32.60 0.44
CA GLY B 309 15.40 31.47 -0.17
C GLY B 309 16.09 30.12 -0.03
N LEU B 310 17.10 30.02 0.84
CA LEU B 310 17.89 28.79 0.88
C LEU B 310 17.13 27.65 1.54
N MET B 311 17.07 26.56 0.78
CA MET B 311 16.36 25.35 1.26
C MET B 311 17.14 24.71 2.40
N GLN B 312 16.42 23.99 3.26
CA GLN B 312 16.99 23.28 4.39
C GLN B 312 16.55 21.83 4.33
N ASN B 313 17.50 20.93 4.34
CA ASN B 313 17.16 19.51 4.30
C ASN B 313 16.85 19.00 5.69
N PRO B 314 15.65 18.43 5.94
CA PRO B 314 15.40 17.84 7.25
C PRO B 314 16.18 16.57 7.51
N GLN B 315 16.50 15.82 6.46
CA GLN B 315 17.13 14.51 6.65
C GLN B 315 18.54 14.65 7.22
N ASN B 316 19.39 15.50 6.63
CA ASN B 316 20.78 15.63 7.06
C ASN B 316 21.03 16.88 7.90
N GLN B 317 19.98 17.62 8.27
CA GLN B 317 20.03 18.80 9.15
C GLN B 317 20.82 19.96 8.54
N THR B 318 21.17 19.88 7.25
CA THR B 318 21.92 20.91 6.54
C THR B 318 21.12 21.44 5.36
N ALA B 319 21.74 22.40 4.67
CA ALA B 319 21.17 23.01 3.47
C ALA B 319 21.54 22.27 2.19
N LYS B 320 22.30 21.18 2.31
CA LYS B 320 22.82 20.42 1.17
C LYS B 320 21.94 19.19 0.97
N PHE B 321 21.34 19.07 -0.21
CA PHE B 321 20.44 17.99 -0.50
C PHE B 321 21.18 16.89 -1.21
N GLU B 322 20.48 15.84 -1.64
CA GLU B 322 21.21 14.71 -2.20
C GLU B 322 20.47 14.13 -3.42
N MET B 323 19.66 14.95 -4.11
CA MET B 323 18.88 14.55 -5.27
C MET B 323 17.83 13.49 -4.92
N GLN B 324 17.82 13.03 -3.68
CA GLN B 324 16.85 12.06 -3.21
C GLN B 324 16.01 12.59 -2.07
N ASP B 325 16.54 13.56 -1.33
CA ASP B 325 15.83 14.28 -0.31
C ASP B 325 15.05 15.44 -0.91
N LEU B 326 14.89 15.47 -2.21
CA LEU B 326 14.17 16.67 -2.70
C LEU B 326 12.92 16.30 -3.47
N PRO B 327 11.85 17.09 -3.32
CA PRO B 327 10.63 16.91 -4.10
C PRO B 327 10.93 16.69 -5.58
N GLN B 328 10.10 15.85 -6.23
CA GLN B 328 10.36 15.47 -7.62
C GLN B 328 10.45 16.69 -8.51
N GLU B 329 9.52 17.62 -8.34
CA GLU B 329 9.52 18.79 -9.20
C GLU B 329 10.91 19.43 -9.24
N ILE B 330 11.37 19.92 -8.09
CA ILE B 330 12.70 20.60 -8.05
C ILE B 330 13.79 19.63 -8.52
N ALA B 331 13.75 18.37 -8.07
CA ALA B 331 14.84 17.45 -8.41
C ALA B 331 15.04 17.38 -9.92
N LYS B 332 13.94 17.23 -10.66
CA LYS B 332 14.00 17.23 -12.12
C LYS B 332 14.51 18.55 -12.68
N VAL B 333 14.00 19.65 -12.09
CA VAL B 333 14.36 21.01 -12.58
C VAL B 333 15.87 21.20 -12.39
N VAL B 334 16.43 20.60 -11.35
CA VAL B 334 17.84 20.82 -11.06
C VAL B 334 18.77 19.83 -11.77
N ASP B 335 18.35 18.57 -11.98
CA ASP B 335 19.17 17.53 -12.62
C ASP B 335 19.77 17.97 -13.92
N LYS B 336 18.99 18.66 -14.72
CA LYS B 336 19.44 19.15 -16.01
C LYS B 336 19.75 20.62 -15.93
N MET B 337 20.00 21.17 -14.73
CA MET B 337 20.26 22.60 -14.59
C MET B 337 21.72 22.83 -14.17
N ASN B 338 22.41 23.78 -14.82
CA ASN B 338 23.78 24.09 -14.46
C ASN B 338 23.84 25.05 -13.27
N ILE B 339 25.04 25.22 -12.69
CA ILE B 339 25.21 26.02 -11.48
C ILE B 339 24.75 27.44 -11.80
N GLY B 340 24.17 28.12 -10.80
CA GLY B 340 23.80 29.53 -10.91
C GLY B 340 22.74 29.89 -11.94
N GLU B 341 21.84 28.98 -12.29
CA GLU B 341 20.80 29.22 -13.28
C GLU B 341 19.44 29.23 -12.58
N ILE B 342 18.65 30.30 -12.82
CA ILE B 342 17.27 30.42 -12.34
C ILE B 342 16.38 29.56 -13.22
N SER B 343 15.56 28.76 -12.59
CA SER B 343 14.84 27.83 -13.41
C SER B 343 13.69 28.51 -14.12
N LYS B 344 13.01 27.74 -14.97
CA LYS B 344 11.72 28.15 -15.51
C LYS B 344 10.64 27.81 -14.53
N ALA B 345 9.51 28.45 -14.71
CA ALA B 345 8.43 28.30 -13.75
C ALA B 345 7.84 26.90 -13.84
N PHE B 346 7.74 26.20 -12.75
CA PHE B 346 7.25 24.80 -12.69
C PHE B 346 6.08 24.74 -11.72
N THR B 347 5.31 23.79 -11.76
CA THR B 347 4.17 23.60 -10.89
C THR B 347 4.48 22.43 -9.96
N MET B 348 4.55 22.81 -8.58
CA MET B 348 4.99 21.86 -7.60
C MET B 348 3.93 21.68 -6.53
N VAL B 349 3.78 20.43 -6.06
CA VAL B 349 2.89 20.14 -4.95
C VAL B 349 3.59 20.54 -3.66
N ASN B 350 2.98 21.45 -2.93
CA ASN B 350 3.56 21.81 -1.66
C ASN B 350 3.54 20.59 -0.74
N PRO B 351 4.68 20.12 -0.25
CA PRO B 351 4.69 18.85 0.51
C PRO B 351 3.84 18.89 1.75
N LYS B 352 3.70 20.06 2.36
CA LYS B 352 2.89 20.12 3.58
C LYS B 352 1.40 20.07 3.26
N ASP B 353 0.92 21.02 2.45
CA ASP B 353 -0.51 21.23 2.17
C ASP B 353 -1.12 20.25 1.18
N GLY B 354 -0.29 19.53 0.40
CA GLY B 354 -0.78 18.65 -0.64
C GLY B 354 -1.44 19.39 -1.80
N LYS B 355 -1.17 20.69 -1.93
CA LYS B 355 -1.77 21.52 -2.96
C LYS B 355 -0.73 22.05 -3.95
N GLU B 356 -1.25 22.55 -5.09
CA GLU B 356 -0.41 23.04 -6.17
C GLU B 356 0.00 24.50 -5.96
N VAL B 357 1.31 24.74 -6.11
CA VAL B 357 1.90 26.07 -6.03
C VAL B 357 2.92 26.20 -7.16
N CYS B 358 2.95 27.48 -7.68
CA CYS B 358 3.93 27.73 -8.72
C CYS B 358 5.20 28.22 -8.02
N ALA B 359 6.33 28.06 -8.56
CA ALA B 359 7.61 28.43 -7.95
C ALA B 359 8.74 28.47 -8.99
N ILE B 360 9.92 29.00 -8.67
CA ILE B 360 11.18 28.95 -9.40
C ILE B 360 12.31 28.78 -8.39
N VAL B 361 13.43 28.06 -8.92
CA VAL B 361 14.58 27.71 -8.11
C VAL B 361 15.84 28.24 -8.79
N LYS B 362 16.87 28.41 -7.98
CA LYS B 362 18.20 28.87 -8.38
C LYS B 362 19.20 27.89 -7.80
N LEU B 363 19.94 27.19 -8.64
CA LEU B 363 20.92 26.24 -8.12
C LEU B 363 22.14 26.97 -7.61
N LYS B 364 22.46 26.77 -6.32
CA LYS B 364 23.55 27.49 -5.68
C LYS B 364 24.86 26.73 -5.82
N SER B 365 24.86 25.45 -5.47
CA SER B 365 26.08 24.66 -5.63
C SER B 365 25.67 23.23 -5.99
N ARG B 366 26.53 22.58 -6.77
CA ARG B 366 26.25 21.21 -7.20
C ARG B 366 27.59 20.51 -7.33
N ILE B 367 27.94 19.74 -6.32
CA ILE B 367 29.11 18.88 -6.40
C ILE B 367 28.67 17.50 -6.94
N ASN B 368 29.16 17.14 -8.13
CA ASN B 368 28.66 15.92 -8.78
C ASN B 368 29.11 14.68 -8.00
N GLY B 369 28.37 13.59 -8.18
CA GLY B 369 28.77 12.33 -7.59
C GLY B 369 30.24 12.18 -7.85
N HIS B 370 31.02 12.35 -6.78
CA HIS B 370 32.47 12.29 -6.86
C HIS B 370 33.07 10.96 -6.44
N LYS B 371 32.27 9.93 -6.16
CA LYS B 371 32.78 8.69 -5.56
C LYS B 371 33.31 9.13 -4.18
N ALA B 372 34.60 8.92 -3.86
CA ALA B 372 35.20 9.35 -2.60
C ALA B 372 36.38 10.31 -2.86
N THR B 373 36.38 11.47 -2.22
CA THR B 373 37.43 12.51 -2.46
C THR B 373 38.74 12.08 -1.80
N ILE B 374 39.89 12.60 -2.28
CA ILE B 374 41.16 12.27 -1.65
C ILE B 374 41.03 12.50 -0.16
N THR B 375 40.28 13.52 0.23
CA THR B 375 40.04 13.86 1.62
C THR B 375 38.58 13.59 2.05
N ASP B 376 38.04 12.46 1.60
CA ASP B 376 36.75 12.02 2.09
C ASP B 376 36.83 11.75 3.60
N ASP B 377 35.81 12.18 4.32
CA ASP B 377 35.74 12.01 5.76
C ASP B 377 35.26 10.60 6.16
N TYR B 378 35.77 9.56 5.51
CA TYR B 378 35.37 8.17 5.73
C TYR B 378 36.06 7.55 6.93
N GLN B 379 36.93 8.30 7.60
CA GLN B 379 37.63 7.81 8.78
C GLN B 379 36.69 7.22 9.81
N ASN B 380 35.48 7.78 9.94
CA ASN B 380 34.51 7.23 10.87
C ASN B 380 34.28 5.77 10.56
N LEU B 381 34.15 5.45 9.27
CA LEU B 381 34.09 4.05 8.86
C LEU B 381 35.30 3.27 9.37
N LYS B 382 36.50 3.80 9.12
CA LYS B 382 37.69 3.17 9.70
C LYS B 382 37.58 3.12 11.22
N GLU B 383 37.17 4.22 11.86
CA GLU B 383 36.94 4.15 13.30
C GLU B 383 35.94 3.05 13.63
N ILE B 384 34.83 2.96 12.87
CA ILE B 384 33.89 1.87 13.07
C ILE B 384 34.61 0.54 12.91
N VAL B 385 35.43 0.40 11.86
CA VAL B 385 36.25 -0.81 11.72
C VAL B 385 37.19 -0.93 12.90
N LEU B 386 37.81 0.19 13.29
CA LEU B 386 38.58 0.22 14.54
C LEU B 386 37.70 -0.22 15.70
N ASP B 387 36.48 0.31 15.77
CA ASP B 387 35.54 -0.11 16.79
C ASP B 387 35.35 -1.62 16.74
N LYS B 388 35.20 -2.18 15.53
CA LYS B 388 35.13 -3.63 15.38
C LYS B 388 36.36 -4.27 16.00
N ARG B 389 37.55 -3.79 15.61
CA ARG B 389 38.78 -4.27 16.24
C ARG B 389 38.68 -4.07 17.74
N ARG B 390 38.24 -2.88 18.17
CA ARG B 390 38.03 -2.63 19.60
C ARG B 390 37.04 -3.63 20.15
N GLU B 391 35.90 -3.77 19.47
CA GLU B 391 34.90 -4.74 19.91
C GLU B 391 35.49 -6.15 19.87
N GLU B 392 36.34 -6.44 18.86
CA GLU B 392 37.00 -7.74 18.82
C GLU B 392 37.82 -7.94 20.08
N ALA B 393 38.63 -6.94 20.45
CA ALA B 393 39.33 -7.00 21.73
C ALA B 393 38.32 -7.03 22.86
N LEU B 394 37.23 -6.26 22.68
CA LEU B 394 36.14 -6.27 23.68
C LEU B 394 35.52 -7.66 23.73
N GLN B 395 35.52 -8.40 22.61
CA GLN B 395 35.06 -9.78 22.64
C GLN B 395 35.91 -10.61 23.59
N LYS B 396 37.24 -10.44 23.53
CA LYS B 396 38.08 -11.03 24.56
C LYS B 396 37.67 -10.50 25.93
N TRP B 397 37.44 -9.18 26.02
CA TRP B 397 36.85 -8.61 27.23
C TRP B 397 35.52 -9.28 27.57
N ILE B 398 34.68 -9.56 26.57
CA ILE B 398 33.42 -10.24 26.84
C ILE B 398 33.69 -11.57 27.53
N VAL B 399 34.71 -12.30 27.06
CA VAL B 399 35.11 -13.52 27.74
C VAL B 399 35.73 -13.20 29.09
N GLU B 400 36.55 -12.14 29.16
CA GLU B 400 37.25 -11.80 30.40
C GLU B 400 36.27 -11.50 31.53
N LYS B 401 35.33 -10.58 31.29
CA LYS B 401 34.29 -10.33 32.29
C LYS B 401 33.33 -11.51 32.40
N GLN B 402 33.34 -12.41 31.42
CA GLN B 402 32.59 -13.67 31.53
C GLN B 402 33.19 -14.58 32.59
N LYS B 403 34.50 -14.45 32.85
CA LYS B 403 35.14 -15.24 33.90
C LYS B 403 34.86 -14.71 35.30
N HIS B 404 34.29 -13.50 35.43
CA HIS B 404 33.97 -12.90 36.71
C HIS B 404 32.49 -13.01 37.05
N THR B 405 31.65 -13.37 36.07
CA THR B 405 30.23 -13.59 36.21
C THR B 405 29.93 -15.05 35.93
N TYR B 406 28.75 -15.50 36.33
CA TYR B 406 28.39 -16.90 36.18
C TYR B 406 28.28 -17.25 34.70
N VAL B 407 28.56 -18.51 34.37
CA VAL B 407 28.58 -18.96 32.99
C VAL B 407 27.87 -20.29 32.86
N ARG B 408 26.90 -20.37 31.95
CA ARG B 408 26.23 -21.64 31.61
C ARG B 408 25.48 -21.47 30.30
N ILE B 409 25.75 -22.36 29.33
CA ILE B 409 25.09 -22.33 28.02
C ILE B 409 24.41 -23.68 27.82
N ASN B 410 23.23 -23.65 27.19
CA ASN B 410 22.45 -24.90 26.97
C ASN B 410 23.27 -25.86 26.10
N PRO B 411 23.32 -27.16 26.45
CA PRO B 411 24.06 -28.17 25.67
C PRO B 411 23.40 -28.55 24.35
N ALA B 412 22.21 -28.02 24.03
CA ALA B 412 21.46 -28.49 22.86
C ALA B 412 22.14 -28.17 21.53
N TRP B 413 23.08 -27.23 21.48
CA TRP B 413 23.73 -26.85 20.22
C TRP B 413 25.22 -26.67 20.51
N GLN B 414 26.01 -27.72 20.28
CA GLN B 414 27.43 -27.68 20.61
C GLN B 414 28.41 -27.94 19.46
N ARG B 415 27.96 -28.24 18.24
CA ARG B 415 28.91 -28.47 17.15
C ARG B 415 29.26 -27.19 16.40
N CYS B 416 28.25 -26.35 16.13
CA CYS B 416 28.48 -25.02 15.58
C CYS B 416 29.26 -24.17 16.58
N ASP B 417 30.19 -23.35 16.08
CA ASP B 417 30.96 -22.46 16.97
C ASP B 417 31.31 -21.15 16.26
N PHE B 418 30.42 -20.16 16.41
CA PHE B 418 30.74 -18.82 15.94
C PHE B 418 31.82 -18.21 16.83
N LYS B 419 31.62 -18.30 18.14
CA LYS B 419 32.56 -17.90 19.19
C LYS B 419 31.85 -18.22 20.50
N TYR B 420 32.58 -18.08 21.62
CA TYR B 420 32.07 -18.42 22.94
C TYR B 420 31.68 -19.89 23.03
N PRO B 421 32.66 -20.82 23.10
CA PRO B 421 32.33 -22.24 23.03
C PRO B 421 31.47 -22.69 24.20
N GLY B 422 31.11 -23.98 24.28
CA GLY B 422 30.09 -24.41 25.22
C GLY B 422 30.55 -24.58 26.67
N TRP B 423 29.54 -24.72 27.55
CA TRP B 423 29.62 -24.83 29.00
C TRP B 423 30.06 -23.55 29.70
N ILE B 424 30.23 -22.44 28.99
CA ILE B 424 30.57 -21.18 29.63
C ILE B 424 29.48 -20.16 29.27
#